data_2BB0
#
_entry.id   2BB0
#
_cell.length_a   57.730
_cell.length_b   106.340
_cell.length_c   66.470
_cell.angle_alpha   90.00
_cell.angle_beta   89.92
_cell.angle_gamma   90.00
#
_symmetry.space_group_name_H-M   'P 1 21 1'
#
loop_
_entity.id
_entity.type
_entity.pdbx_description
1 polymer Imidazolonepropionase
2 non-polymer 'ACETATE ION'
3 non-polymer 'ZINC ION'
4 water water
#
_entity_poly.entity_id   1
_entity_poly.type   'polypeptide(L)'
_entity_poly.pdbx_seq_one_letter_code
;MPKQIDTILINIGQLLTMESSGPRAGKSMQDLHVIEDAVVGIHEQKIVFAGQKGAEAGYEADEIIDCSGRLVTPGLVDPH
THLVFGGSREKEMNLKLQGISYLDILAQGGGILSTVKDTRAASEEELLQKAHFHLQRMLSYGTTTAEVKSGYGLEKETEL
KQLRVAKKLHESQPVDLVSTFMGAHAIPPEYQNDPDDFLDQMLSLLPEIKEQELASFADIFTETGVFTVSQSRRYLQKAA
EAGFGLKIHADEIDPLGGAELAGKLKAVSADHLVGTSDEGIKKLAEAGTIAVLLPGTTFYLGKSTYARARAMIDEGVCVS
LATDFNPGSSPTENIQLIMSIAALHLKMTAEEIWHAVTVNAAYAIGKGEEAGQLKAGRSADLVIWQAPNYMYIPYHYGVN
HVHQVMKNGTIVVNREGAILG
;
_entity_poly.pdbx_strand_id   A,B
#
loop_
_chem_comp.id
_chem_comp.type
_chem_comp.name
_chem_comp.formula
ACT non-polymer 'ACETATE ION' 'C2 H3 O2 -1'
ZN non-polymer 'ZINC ION' 'Zn 2'
#
# COMPACT_ATOMS: atom_id res chain seq x y z
N LYS A 3 -3.59 -4.48 -29.69
CA LYS A 3 -4.59 -4.70 -28.61
C LYS A 3 -5.77 -3.75 -28.79
N GLN A 4 -6.96 -4.31 -28.97
CA GLN A 4 -8.14 -3.49 -29.16
C GLN A 4 -8.73 -3.12 -27.80
N ILE A 5 -8.91 -1.83 -27.56
CA ILE A 5 -9.46 -1.36 -26.30
C ILE A 5 -10.61 -0.40 -26.53
N ASP A 6 -11.36 -0.12 -25.47
CA ASP A 6 -12.53 0.75 -25.55
C ASP A 6 -12.31 2.23 -25.81
N THR A 7 -11.47 2.85 -24.98
CA THR A 7 -11.26 4.28 -25.09
C THR A 7 -9.83 4.75 -24.93
N ILE A 8 -9.56 5.93 -25.49
CA ILE A 8 -8.25 6.54 -25.38
C ILE A 8 -8.40 8.06 -25.34
N LEU A 9 -7.68 8.67 -24.40
CA LEU A 9 -7.66 10.12 -24.27
C LEU A 9 -6.37 10.57 -24.92
N ILE A 10 -6.46 11.50 -25.87
CA ILE A 10 -5.27 11.99 -26.55
C ILE A 10 -5.07 13.47 -26.32
N ASN A 11 -3.90 13.96 -26.70
CA ASN A 11 -3.60 15.38 -26.58
C ASN A 11 -3.81 15.95 -25.17
N ILE A 12 -3.36 15.21 -24.17
CA ILE A 12 -3.48 15.67 -22.78
C ILE A 12 -2.29 16.60 -22.52
N GLY A 13 -2.58 17.88 -22.27
CA GLY A 13 -1.52 18.83 -22.02
C GLY A 13 -0.66 18.48 -20.83
N GLN A 14 -1.31 18.11 -19.72
CA GLN A 14 -0.58 17.75 -18.52
C GLN A 14 -1.30 16.59 -17.83
N LEU A 15 -0.56 15.55 -17.49
CA LEU A 15 -1.14 14.37 -16.86
C LEU A 15 -0.50 14.08 -15.50
N LEU A 16 -1.33 13.94 -14.47
CA LEU A 16 -0.87 13.60 -13.12
C LEU A 16 -1.44 12.23 -12.78
N THR A 17 -0.59 11.21 -12.77
CA THR A 17 -1.03 9.86 -12.46
C THR A 17 -1.11 9.64 -10.97
N MET A 18 -0.25 10.35 -10.23
CA MET A 18 -0.18 10.23 -8.77
C MET A 18 0.31 8.82 -8.40
N GLU A 19 0.92 8.12 -9.36
CA GLU A 19 1.39 6.75 -9.09
C GLU A 19 2.28 6.68 -7.85
N SER A 20 1.87 5.83 -6.91
CA SER A 20 2.60 5.66 -5.66
C SER A 20 2.53 4.21 -5.20
N SER A 21 3.38 3.85 -4.25
CA SER A 21 3.41 2.49 -3.73
C SER A 21 2.72 2.46 -2.38
N GLY A 22 2.35 3.63 -1.87
CA GLY A 22 1.69 3.71 -0.59
C GLY A 22 1.37 5.16 -0.28
N PRO A 23 0.92 5.47 0.94
CA PRO A 23 0.60 6.87 1.27
C PRO A 23 1.87 7.72 1.19
N ARG A 24 1.70 9.01 0.93
CA ARG A 24 2.86 9.90 0.84
C ARG A 24 2.97 10.77 2.08
N ALA A 25 4.04 10.56 2.83
CA ALA A 25 4.27 11.33 4.05
C ALA A 25 5.49 12.23 3.86
N GLY A 26 5.57 13.27 4.68
CA GLY A 26 6.68 14.20 4.63
C GLY A 26 7.09 14.72 3.26
N LYS A 27 8.38 14.64 2.98
CA LYS A 27 8.93 15.12 1.72
C LYS A 27 8.34 14.52 0.45
N SER A 28 7.91 13.26 0.51
CA SER A 28 7.34 12.62 -0.67
C SER A 28 6.07 13.31 -1.19
N MET A 29 5.43 14.11 -0.33
CA MET A 29 4.24 14.84 -0.73
C MET A 29 4.61 15.91 -1.74
N GLN A 30 5.89 16.28 -1.78
CA GLN A 30 6.34 17.32 -2.70
C GLN A 30 6.77 16.74 -4.05
N ASP A 31 7.13 15.46 -4.05
CA ASP A 31 7.61 14.77 -5.25
C ASP A 31 6.51 14.40 -6.24
N LEU A 32 5.89 15.41 -6.85
CA LEU A 32 4.81 15.21 -7.82
C LEU A 32 5.37 14.91 -9.22
N HIS A 33 4.97 13.78 -9.80
CA HIS A 33 5.43 13.41 -11.13
C HIS A 33 4.49 14.00 -12.18
N VAL A 34 5.00 14.91 -12.99
CA VAL A 34 4.19 15.54 -14.02
C VAL A 34 4.59 15.08 -15.42
N ILE A 35 3.60 14.71 -16.22
CA ILE A 35 3.84 14.25 -17.59
C ILE A 35 3.16 15.24 -18.54
N GLU A 36 3.85 15.57 -19.63
CA GLU A 36 3.29 16.51 -20.59
C GLU A 36 3.08 15.85 -21.96
N ASP A 37 2.02 16.27 -22.65
CA ASP A 37 1.68 15.69 -23.94
C ASP A 37 1.49 14.21 -23.67
N ALA A 38 0.42 13.88 -22.96
CA ALA A 38 0.15 12.50 -22.57
C ALA A 38 -1.09 11.85 -23.16
N VAL A 39 -1.25 10.58 -22.84
CA VAL A 39 -2.39 9.79 -23.30
C VAL A 39 -2.82 8.85 -22.18
N VAL A 40 -4.07 8.41 -22.23
CA VAL A 40 -4.62 7.51 -21.24
C VAL A 40 -5.49 6.49 -21.97
N GLY A 41 -5.20 5.21 -21.75
CA GLY A 41 -5.96 4.16 -22.38
C GLY A 41 -6.86 3.47 -21.38
N ILE A 42 -8.10 3.25 -21.77
CA ILE A 42 -9.06 2.60 -20.88
C ILE A 42 -9.72 1.42 -21.58
N HIS A 43 -9.86 0.32 -20.86
CA HIS A 43 -10.50 -0.86 -21.41
C HIS A 43 -11.28 -1.56 -20.31
N GLU A 44 -12.54 -1.86 -20.59
CA GLU A 44 -13.41 -2.54 -19.64
C GLU A 44 -13.49 -1.81 -18.29
N GLN A 45 -13.60 -0.48 -18.35
CA GLN A 45 -13.72 0.37 -17.17
C GLN A 45 -12.45 0.57 -16.36
N LYS A 46 -11.35 0.05 -16.86
CA LYS A 46 -10.07 0.18 -16.16
C LYS A 46 -8.99 0.83 -17.02
N ILE A 47 -8.04 1.47 -16.36
CA ILE A 47 -6.92 2.11 -17.03
C ILE A 47 -6.00 0.99 -17.54
N VAL A 48 -5.60 1.05 -18.81
CA VAL A 48 -4.68 0.05 -19.32
C VAL A 48 -3.30 0.70 -19.46
N PHE A 49 -3.27 2.01 -19.64
CA PHE A 49 -2.02 2.74 -19.73
C PHE A 49 -2.24 4.24 -19.53
N ALA A 50 -1.26 4.90 -18.94
CA ALA A 50 -1.33 6.34 -18.69
C ALA A 50 0.09 6.86 -18.60
N GLY A 51 0.53 7.51 -19.68
CA GLY A 51 1.87 8.04 -19.72
C GLY A 51 2.03 9.00 -20.88
N GLN A 52 3.28 9.31 -21.22
CA GLN A 52 3.56 10.24 -22.31
C GLN A 52 3.10 9.67 -23.66
N LYS A 53 2.83 10.56 -24.61
CA LYS A 53 2.39 10.14 -25.93
C LYS A 53 3.39 9.11 -26.43
N GLY A 54 2.88 7.99 -26.93
CA GLY A 54 3.74 6.93 -27.41
C GLY A 54 3.50 5.67 -26.58
N ALA A 55 2.82 5.85 -25.46
CA ALA A 55 2.48 4.75 -24.56
C ALA A 55 1.32 3.96 -25.15
N GLU A 56 0.66 4.55 -26.14
CA GLU A 56 -0.48 3.89 -26.77
C GLU A 56 -0.03 2.96 -27.89
N ALA A 57 1.26 2.97 -28.21
CA ALA A 57 1.81 2.12 -29.26
C ALA A 57 1.50 0.67 -28.89
N GLY A 58 0.80 -0.03 -29.80
CA GLY A 58 0.45 -1.41 -29.53
C GLY A 58 -1.03 -1.55 -29.22
N TYR A 59 -1.70 -0.42 -29.08
CA TYR A 59 -3.14 -0.42 -28.80
C TYR A 59 -3.90 0.35 -29.86
N GLU A 60 -5.19 0.06 -29.97
CA GLU A 60 -6.08 0.74 -30.90
C GLU A 60 -7.42 0.82 -30.21
N ALA A 61 -7.90 2.04 -29.99
CA ALA A 61 -9.18 2.25 -29.32
C ALA A 61 -10.28 2.63 -30.30
N ASP A 62 -11.52 2.39 -29.89
CA ASP A 62 -12.67 2.73 -30.72
C ASP A 62 -13.07 4.17 -30.45
N GLU A 63 -13.33 4.48 -29.18
CA GLU A 63 -13.71 5.82 -28.77
C GLU A 63 -12.47 6.65 -28.47
N ILE A 64 -12.34 7.79 -29.13
CA ILE A 64 -11.19 8.66 -28.92
C ILE A 64 -11.61 10.04 -28.40
N ILE A 65 -11.06 10.41 -27.25
CA ILE A 65 -11.36 11.69 -26.63
C ILE A 65 -10.17 12.63 -26.71
N ASP A 66 -10.37 13.77 -27.38
CA ASP A 66 -9.31 14.77 -27.51
C ASP A 66 -9.37 15.71 -26.32
N CYS A 67 -8.32 15.73 -25.51
CA CYS A 67 -8.29 16.58 -24.33
C CYS A 67 -7.83 18.01 -24.58
N SER A 68 -7.57 18.31 -25.86
CA SER A 68 -7.17 19.66 -26.28
C SER A 68 -6.18 20.38 -25.36
N GLY A 69 -5.13 19.69 -24.94
CA GLY A 69 -4.14 20.31 -24.09
C GLY A 69 -4.55 20.55 -22.65
N ARG A 70 -5.69 20.00 -22.25
CA ARG A 70 -6.16 20.17 -20.87
C ARG A 70 -5.42 19.31 -19.86
N LEU A 71 -5.53 19.70 -18.60
CA LEU A 71 -4.92 18.97 -17.50
C LEU A 71 -5.81 17.77 -17.16
N VAL A 72 -5.20 16.62 -16.90
CA VAL A 72 -5.94 15.42 -16.53
C VAL A 72 -5.34 14.83 -15.26
N THR A 73 -6.22 14.46 -14.32
CA THR A 73 -5.78 13.90 -13.04
C THR A 73 -6.78 12.83 -12.62
N PRO A 74 -6.44 12.04 -11.58
CA PRO A 74 -7.38 11.01 -11.13
C PRO A 74 -8.60 11.74 -10.58
N GLY A 75 -9.71 11.03 -10.43
CA GLY A 75 -10.88 11.66 -9.86
C GLY A 75 -10.49 12.02 -8.44
N LEU A 76 -11.05 13.11 -7.90
CA LEU A 76 -10.70 13.52 -6.54
C LEU A 76 -11.38 12.68 -5.46
N VAL A 77 -10.73 12.56 -4.32
CA VAL A 77 -11.26 11.80 -3.19
C VAL A 77 -11.52 12.73 -2.00
N ASP A 78 -12.76 12.74 -1.51
CA ASP A 78 -13.15 13.58 -0.37
C ASP A 78 -13.29 12.57 0.77
N PRO A 79 -12.24 12.41 1.57
CA PRO A 79 -12.15 11.48 2.70
C PRO A 79 -12.86 11.81 4.01
N HIS A 80 -13.73 12.81 4.02
CA HIS A 80 -14.41 13.18 5.26
C HIS A 80 -15.61 14.10 5.04
N THR A 81 -16.82 13.53 5.12
CA THR A 81 -18.05 14.31 4.98
C THR A 81 -19.14 13.74 5.87
N HIS A 82 -20.20 14.51 6.07
CA HIS A 82 -21.37 14.09 6.86
C HIS A 82 -22.54 14.29 5.89
N LEU A 83 -22.36 13.76 4.69
CA LEU A 83 -23.30 13.86 3.58
C LEU A 83 -24.80 13.76 3.90
N VAL A 84 -25.19 12.72 4.63
CA VAL A 84 -26.61 12.52 4.95
C VAL A 84 -27.05 13.30 6.18
N PHE A 85 -27.96 14.25 5.96
CA PHE A 85 -28.49 15.06 7.05
C PHE A 85 -29.81 15.71 6.66
N GLY A 86 -30.59 16.07 7.66
CA GLY A 86 -31.86 16.71 7.42
C GLY A 86 -31.77 18.19 7.71
N GLY A 87 -32.68 18.96 7.12
CA GLY A 87 -32.71 20.41 7.33
C GLY A 87 -31.40 21.12 7.03
N SER A 88 -31.26 22.32 7.59
CA SER A 88 -30.06 23.12 7.41
C SER A 88 -29.93 24.04 8.62
N ARG A 89 -28.74 24.61 8.80
CA ARG A 89 -28.51 25.46 9.96
C ARG A 89 -28.30 26.96 9.69
N GLU A 90 -28.93 27.50 8.65
CA GLU A 90 -28.76 28.92 8.35
C GLU A 90 -29.24 29.81 9.49
N LYS A 91 -30.25 29.34 10.24
CA LYS A 91 -30.78 30.14 11.33
C LYS A 91 -29.84 30.30 12.52
N GLU A 92 -28.66 29.65 12.44
CA GLU A 92 -27.65 29.76 13.50
C GLU A 92 -26.56 30.75 13.09
N MET A 93 -26.66 31.33 11.89
CA MET A 93 -25.66 32.29 11.43
C MET A 93 -25.47 33.43 12.41
N ASN A 94 -26.58 33.96 12.92
CA ASN A 94 -26.53 35.08 13.86
C ASN A 94 -25.90 34.79 15.20
N LEU A 95 -26.06 33.59 15.72
CA LEU A 95 -25.46 33.23 17.00
C LEU A 95 -23.94 33.30 16.83
N LYS A 96 -23.45 32.74 15.73
CA LYS A 96 -22.03 32.76 15.43
C LYS A 96 -21.55 34.19 15.26
N LEU A 97 -22.33 34.98 14.53
CA LEU A 97 -21.99 36.37 14.28
C LEU A 97 -21.97 37.14 15.61
N GLN A 98 -22.88 36.78 16.51
CA GLN A 98 -22.96 37.44 17.81
C GLN A 98 -21.77 37.07 18.69
N GLY A 99 -20.99 36.09 18.27
CA GLY A 99 -19.83 35.71 19.06
C GLY A 99 -20.02 34.48 19.92
N ILE A 100 -21.15 33.80 19.79
CA ILE A 100 -21.38 32.58 20.58
C ILE A 100 -20.56 31.47 19.93
N SER A 101 -19.76 30.78 20.74
CA SER A 101 -18.92 29.71 20.25
C SER A 101 -19.68 28.50 19.76
N TYR A 102 -19.01 27.72 18.92
CA TYR A 102 -19.57 26.51 18.34
C TYR A 102 -20.02 25.56 19.45
N LEU A 103 -19.18 25.39 20.46
CA LEU A 103 -19.53 24.49 21.56
C LEU A 103 -20.65 25.03 22.47
N ASP A 104 -20.72 26.35 22.65
CA ASP A 104 -21.78 26.90 23.48
C ASP A 104 -23.14 26.74 22.81
N ILE A 105 -23.17 26.75 21.48
CA ILE A 105 -24.41 26.59 20.73
C ILE A 105 -24.85 25.14 20.94
N LEU A 106 -23.88 24.22 20.86
CA LEU A 106 -24.14 22.80 21.05
C LEU A 106 -24.60 22.53 22.48
N ALA A 107 -23.94 23.17 23.44
CA ALA A 107 -24.27 22.99 24.86
C ALA A 107 -25.71 23.43 25.16
N GLN A 108 -26.23 24.34 24.35
CA GLN A 108 -27.59 24.83 24.55
C GLN A 108 -28.62 24.08 23.71
N GLY A 109 -28.28 22.86 23.30
CA GLY A 109 -29.22 22.06 22.53
C GLY A 109 -29.25 22.33 21.04
N GLY A 110 -28.35 23.17 20.55
CA GLY A 110 -28.31 23.47 19.13
C GLY A 110 -27.18 22.74 18.43
N GLY A 111 -26.70 23.32 17.32
CA GLY A 111 -25.61 22.69 16.60
C GLY A 111 -25.96 21.30 16.10
N ILE A 112 -25.06 20.34 16.32
CA ILE A 112 -25.29 18.96 15.90
C ILE A 112 -26.66 18.48 16.36
N LEU A 113 -27.05 18.86 17.59
CA LEU A 113 -28.34 18.45 18.12
C LEU A 113 -29.52 18.99 17.32
N SER A 114 -29.34 20.15 16.71
CA SER A 114 -30.39 20.75 15.91
C SER A 114 -30.54 19.89 14.64
N THR A 115 -29.40 19.51 14.06
CA THR A 115 -29.41 18.69 12.85
C THR A 115 -29.94 17.29 13.17
N VAL A 116 -29.68 16.81 14.39
CA VAL A 116 -30.17 15.50 14.80
C VAL A 116 -31.70 15.47 14.75
N LYS A 117 -32.33 16.52 15.26
CA LYS A 117 -33.79 16.58 15.24
C LYS A 117 -34.33 16.58 13.82
N ASP A 118 -33.72 17.34 12.93
CA ASP A 118 -34.21 17.39 11.55
C ASP A 118 -33.97 16.07 10.80
N THR A 119 -32.86 15.41 11.13
CA THR A 119 -32.53 14.15 10.48
C THR A 119 -33.44 13.03 10.97
N ARG A 120 -33.78 13.07 12.24
CA ARG A 120 -34.67 12.08 12.82
C ARG A 120 -36.07 12.23 12.21
N ALA A 121 -36.48 13.48 11.99
CA ALA A 121 -37.81 13.77 11.45
C ALA A 121 -37.94 13.52 9.94
N ALA A 122 -36.84 13.65 9.21
CA ALA A 122 -36.88 13.44 7.77
C ALA A 122 -37.03 11.95 7.42
N SER A 123 -37.86 11.66 6.42
CA SER A 123 -38.05 10.28 6.02
C SER A 123 -36.81 9.79 5.29
N GLU A 124 -36.65 8.48 5.22
CA GLU A 124 -35.51 7.87 4.56
C GLU A 124 -35.49 8.28 3.08
N GLU A 125 -36.67 8.37 2.48
CA GLU A 125 -36.75 8.77 1.07
C GLU A 125 -36.36 10.23 0.86
N GLU A 126 -36.70 11.08 1.83
CA GLU A 126 -36.36 12.50 1.74
C GLU A 126 -34.84 12.67 1.84
N LEU A 127 -34.24 11.96 2.79
CA LEU A 127 -32.79 12.04 2.99
C LEU A 127 -32.06 11.55 1.76
N LEU A 128 -32.59 10.50 1.12
CA LEU A 128 -31.97 9.96 -0.07
C LEU A 128 -31.95 10.99 -1.20
N GLN A 129 -33.10 11.58 -1.51
CA GLN A 129 -33.18 12.58 -2.56
C GLN A 129 -32.34 13.81 -2.21
N LYS A 130 -32.42 14.22 -0.96
CA LYS A 130 -31.67 15.38 -0.45
C LYS A 130 -30.16 15.13 -0.64
N ALA A 131 -29.70 13.96 -0.22
CA ALA A 131 -28.29 13.60 -0.33
C ALA A 131 -27.88 13.44 -1.79
N HIS A 132 -28.79 12.91 -2.61
CA HIS A 132 -28.49 12.73 -4.03
C HIS A 132 -28.11 14.06 -4.66
N PHE A 133 -28.82 15.12 -4.28
CA PHE A 133 -28.54 16.45 -4.82
C PHE A 133 -27.15 16.95 -4.46
N HIS A 134 -26.79 16.78 -3.20
CA HIS A 134 -25.48 17.23 -2.74
C HIS A 134 -24.35 16.37 -3.28
N LEU A 135 -24.57 15.06 -3.40
CA LEU A 135 -23.54 14.17 -3.92
C LEU A 135 -23.32 14.44 -5.40
N GLN A 136 -24.39 14.81 -6.11
CA GLN A 136 -24.29 15.12 -7.53
C GLN A 136 -23.42 16.37 -7.70
N ARG A 137 -23.54 17.30 -6.76
CA ARG A 137 -22.76 18.54 -6.80
C ARG A 137 -21.29 18.20 -6.50
N MET A 138 -21.07 17.33 -5.52
CA MET A 138 -19.72 16.93 -5.17
C MET A 138 -19.04 16.35 -6.41
N LEU A 139 -19.75 15.47 -7.10
CA LEU A 139 -19.25 14.83 -8.30
C LEU A 139 -18.89 15.87 -9.36
N SER A 140 -19.76 16.87 -9.55
CA SER A 140 -19.51 17.89 -10.55
C SER A 140 -18.23 18.70 -10.27
N TYR A 141 -17.77 18.67 -9.03
CA TYR A 141 -16.54 19.38 -8.68
C TYR A 141 -15.30 18.48 -8.80
N GLY A 142 -15.50 17.24 -9.22
CA GLY A 142 -14.36 16.34 -9.39
C GLY A 142 -14.23 15.15 -8.45
N THR A 143 -15.05 15.11 -7.41
CA THR A 143 -15.02 14.02 -6.42
C THR A 143 -15.69 12.77 -6.98
N THR A 144 -14.91 11.71 -7.17
CA THR A 144 -15.43 10.44 -7.69
C THR A 144 -15.47 9.35 -6.62
N THR A 145 -14.88 9.63 -5.47
CA THR A 145 -14.86 8.70 -4.34
C THR A 145 -14.97 9.56 -3.09
N ALA A 146 -15.81 9.16 -2.16
CA ALA A 146 -15.98 9.95 -0.94
C ALA A 146 -16.33 9.12 0.28
N GLU A 147 -16.03 9.67 1.45
CA GLU A 147 -16.32 9.01 2.72
C GLU A 147 -17.53 9.74 3.30
N VAL A 148 -18.50 8.99 3.82
CA VAL A 148 -19.70 9.60 4.39
C VAL A 148 -19.97 9.05 5.78
N LYS A 149 -20.12 9.94 6.75
CA LYS A 149 -20.35 9.55 8.14
C LYS A 149 -21.79 9.77 8.59
N SER A 150 -22.27 8.88 9.46
CA SER A 150 -23.61 9.05 10.03
C SER A 150 -23.34 9.98 11.22
N GLY A 151 -24.15 9.90 12.27
CA GLY A 151 -23.90 10.76 13.41
C GLY A 151 -24.91 11.88 13.61
N TYR A 152 -26.03 11.83 12.89
CA TYR A 152 -27.08 12.84 13.07
C TYR A 152 -28.35 12.15 13.54
N GLY A 153 -28.18 11.00 14.17
CA GLY A 153 -29.33 10.26 14.68
C GLY A 153 -29.20 10.11 16.18
N LEU A 154 -28.03 9.68 16.62
CA LEU A 154 -27.76 9.49 18.05
C LEU A 154 -28.81 8.58 18.67
N GLU A 155 -29.29 7.63 17.86
CA GLU A 155 -30.28 6.64 18.27
C GLU A 155 -30.26 5.56 17.19
N LYS A 156 -30.72 4.38 17.54
CA LYS A 156 -30.72 3.26 16.60
C LYS A 156 -31.45 3.54 15.29
N GLU A 157 -32.72 3.90 15.39
CA GLU A 157 -33.53 4.15 14.22
C GLU A 157 -32.91 5.08 13.17
N THR A 158 -32.57 6.29 13.58
CA THR A 158 -32.02 7.25 12.63
C THR A 158 -30.58 6.98 12.18
N GLU A 159 -29.75 6.44 13.06
CA GLU A 159 -28.38 6.13 12.67
C GLU A 159 -28.40 5.05 11.58
N LEU A 160 -29.21 4.02 11.78
CA LEU A 160 -29.31 2.95 10.77
C LEU A 160 -29.89 3.52 9.49
N LYS A 161 -30.83 4.45 9.64
CA LYS A 161 -31.46 5.08 8.48
C LYS A 161 -30.39 5.80 7.65
N GLN A 162 -29.54 6.56 8.31
CA GLN A 162 -28.47 7.28 7.60
C GLN A 162 -27.54 6.31 6.87
N LEU A 163 -27.21 5.23 7.55
CA LEU A 163 -26.32 4.22 6.96
C LEU A 163 -26.95 3.55 5.74
N ARG A 164 -28.26 3.30 5.79
CA ARG A 164 -28.93 2.67 4.64
C ARG A 164 -29.00 3.63 3.46
N VAL A 165 -29.17 4.92 3.74
CA VAL A 165 -29.21 5.92 2.68
C VAL A 165 -27.86 5.93 1.97
N ALA A 166 -26.79 5.87 2.75
CA ALA A 166 -25.43 5.87 2.19
C ALA A 166 -25.22 4.68 1.27
N LYS A 167 -25.69 3.50 1.66
CA LYS A 167 -25.54 2.33 0.82
C LYS A 167 -26.35 2.50 -0.46
N LYS A 168 -27.56 3.04 -0.30
CA LYS A 168 -28.46 3.28 -1.42
C LYS A 168 -27.81 4.23 -2.42
N LEU A 169 -27.23 5.31 -1.90
CA LEU A 169 -26.56 6.29 -2.73
C LEU A 169 -25.41 5.65 -3.50
N HIS A 170 -24.59 4.89 -2.77
CA HIS A 170 -23.45 4.22 -3.38
C HIS A 170 -23.87 3.34 -4.56
N GLU A 171 -25.02 2.68 -4.44
CA GLU A 171 -25.52 1.80 -5.49
C GLU A 171 -26.38 2.46 -6.56
N SER A 172 -26.62 3.76 -6.46
CA SER A 172 -27.48 4.41 -7.46
C SER A 172 -26.90 5.60 -8.22
N GLN A 173 -25.64 5.94 -7.99
CA GLN A 173 -25.01 7.05 -8.70
C GLN A 173 -23.52 6.78 -8.85
N PRO A 174 -22.81 7.57 -9.67
CA PRO A 174 -21.37 7.42 -9.92
C PRO A 174 -20.38 7.38 -8.76
N VAL A 175 -20.50 8.32 -7.82
CA VAL A 175 -19.56 8.37 -6.72
C VAL A 175 -19.48 7.10 -5.86
N ASP A 176 -18.26 6.59 -5.67
CA ASP A 176 -18.05 5.41 -4.82
C ASP A 176 -17.98 5.95 -3.39
N LEU A 177 -18.72 5.33 -2.48
CA LEU A 177 -18.74 5.80 -1.11
C LEU A 177 -18.19 4.82 -0.08
N VAL A 178 -17.53 5.38 0.93
CA VAL A 178 -17.00 4.61 2.04
C VAL A 178 -17.86 5.08 3.20
N SER A 179 -18.53 4.14 3.87
CA SER A 179 -19.41 4.50 4.96
C SER A 179 -18.79 4.36 6.35
N THR A 180 -18.97 5.38 7.17
CA THR A 180 -18.43 5.41 8.53
C THR A 180 -19.55 5.61 9.54
N PHE A 181 -19.56 4.80 10.60
CA PHE A 181 -20.58 4.93 11.64
C PHE A 181 -20.06 5.89 12.70
N MET A 182 -20.76 7.01 12.88
CA MET A 182 -20.36 7.99 13.87
C MET A 182 -21.50 8.23 14.85
N GLY A 183 -22.03 7.14 15.40
CA GLY A 183 -23.12 7.27 16.37
C GLY A 183 -22.70 8.10 17.57
N ALA A 184 -21.41 8.08 17.87
CA ALA A 184 -20.85 8.84 18.99
C ALA A 184 -20.44 10.25 18.55
N HIS A 185 -21.40 11.01 18.02
CA HIS A 185 -21.13 12.35 17.53
C HIS A 185 -21.39 13.44 18.57
N ALA A 186 -22.46 13.26 19.34
CA ALA A 186 -22.84 14.21 20.38
C ALA A 186 -23.66 13.48 21.43
N ILE A 187 -24.12 14.20 22.43
CA ILE A 187 -24.88 13.59 23.51
C ILE A 187 -26.33 14.06 23.58
N PRO A 188 -27.29 13.13 23.40
CA PRO A 188 -28.69 13.54 23.48
C PRO A 188 -28.87 14.16 24.87
N PRO A 189 -29.65 15.24 24.97
CA PRO A 189 -29.86 15.90 26.26
C PRO A 189 -30.23 14.95 27.41
N GLU A 190 -31.08 13.97 27.12
CA GLU A 190 -31.51 13.03 28.16
C GLU A 190 -30.39 12.08 28.61
N TYR A 191 -29.21 12.19 28.00
CA TYR A 191 -28.08 11.35 28.37
C TYR A 191 -26.93 12.16 28.95
N GLN A 192 -27.13 13.45 29.12
CA GLN A 192 -26.07 14.30 29.66
C GLN A 192 -25.54 13.78 31.00
N ASN A 193 -26.38 13.10 31.76
CA ASN A 193 -25.95 12.60 33.05
C ASN A 193 -25.45 11.16 33.01
N ASP A 194 -25.61 10.50 31.87
CA ASP A 194 -25.13 9.13 31.71
C ASP A 194 -24.65 8.95 30.28
N PRO A 195 -23.58 9.66 29.89
CA PRO A 195 -23.03 9.57 28.54
C PRO A 195 -22.49 8.18 28.21
N ASP A 196 -21.97 7.47 29.21
CA ASP A 196 -21.44 6.12 28.98
C ASP A 196 -22.57 5.19 28.55
N ASP A 197 -23.76 5.41 29.10
CA ASP A 197 -24.91 4.58 28.73
C ASP A 197 -25.23 4.83 27.27
N PHE A 198 -25.15 6.09 26.85
CA PHE A 198 -25.40 6.42 25.46
C PHE A 198 -24.39 5.71 24.56
N LEU A 199 -23.12 5.78 24.93
CA LEU A 199 -22.07 5.14 24.15
C LEU A 199 -22.30 3.64 24.02
N ASP A 200 -22.71 3.01 25.12
CA ASP A 200 -22.97 1.57 25.08
C ASP A 200 -24.11 1.25 24.11
N GLN A 201 -25.13 2.10 24.08
CA GLN A 201 -26.24 1.87 23.18
C GLN A 201 -25.80 1.99 21.73
N MET A 202 -24.86 2.89 21.45
CA MET A 202 -24.37 3.04 20.07
C MET A 202 -23.50 1.83 19.72
N LEU A 203 -22.70 1.36 20.67
CA LEU A 203 -21.84 0.19 20.43
C LEU A 203 -22.68 -1.06 20.19
N SER A 204 -23.86 -1.10 20.81
CA SER A 204 -24.74 -2.25 20.65
C SER A 204 -25.20 -2.41 19.20
N LEU A 205 -24.95 -1.40 18.38
CA LEU A 205 -25.35 -1.44 16.98
C LEU A 205 -24.31 -2.06 16.04
N LEU A 206 -23.06 -2.15 16.49
CA LEU A 206 -21.98 -2.68 15.65
C LEU A 206 -22.24 -4.04 15.01
N PRO A 207 -22.77 -5.01 15.78
CA PRO A 207 -23.03 -6.34 15.21
C PRO A 207 -23.93 -6.32 13.97
N GLU A 208 -25.06 -5.63 14.03
CA GLU A 208 -25.96 -5.59 12.88
C GLU A 208 -25.39 -4.72 11.75
N ILE A 209 -24.69 -3.65 12.12
CA ILE A 209 -24.08 -2.78 11.13
C ILE A 209 -23.05 -3.61 10.36
N LYS A 210 -22.31 -4.42 11.11
CA LYS A 210 -21.30 -5.30 10.53
C LYS A 210 -21.94 -6.34 9.62
N GLU A 211 -22.96 -7.03 10.14
CA GLU A 211 -23.65 -8.07 9.37
C GLU A 211 -24.30 -7.50 8.11
N GLN A 212 -24.77 -6.26 8.19
CA GLN A 212 -25.40 -5.60 7.06
C GLN A 212 -24.39 -4.89 6.17
N GLU A 213 -23.12 -4.89 6.57
CA GLU A 213 -22.10 -4.23 5.79
C GLU A 213 -22.55 -2.79 5.55
N LEU A 214 -22.95 -2.12 6.63
CA LEU A 214 -23.44 -0.75 6.58
C LEU A 214 -22.37 0.29 6.85
N ALA A 215 -21.22 -0.15 7.34
CA ALA A 215 -20.11 0.77 7.64
C ALA A 215 -18.80 -0.01 7.77
N SER A 216 -17.70 0.66 7.42
CA SER A 216 -16.37 0.05 7.49
C SER A 216 -15.50 0.66 8.59
N PHE A 217 -15.91 1.83 9.08
CA PHE A 217 -15.18 2.52 10.14
C PHE A 217 -16.11 3.03 11.24
N ALA A 218 -15.53 3.39 12.37
CA ALA A 218 -16.26 3.95 13.50
C ALA A 218 -15.56 5.27 13.82
N ASP A 219 -16.32 6.32 14.09
CA ASP A 219 -15.76 7.64 14.37
C ASP A 219 -16.33 8.15 15.69
N ILE A 220 -15.70 9.16 16.26
CA ILE A 220 -16.17 9.72 17.53
C ILE A 220 -15.67 11.15 17.72
N PHE A 221 -16.48 11.96 18.40
CA PHE A 221 -16.16 13.36 18.67
C PHE A 221 -15.56 13.51 20.06
N THR A 222 -14.23 13.45 20.13
CA THR A 222 -13.50 13.58 21.40
C THR A 222 -13.26 15.07 21.61
N GLU A 223 -14.14 15.67 22.39
CA GLU A 223 -14.08 17.11 22.65
C GLU A 223 -14.52 17.47 24.06
N THR A 224 -14.01 18.59 24.56
CA THR A 224 -14.36 19.07 25.88
C THR A 224 -15.88 19.15 25.99
N GLY A 225 -16.43 18.56 27.04
CA GLY A 225 -17.87 18.58 27.23
C GLY A 225 -18.58 17.45 26.52
N VAL A 226 -17.94 16.87 25.51
CA VAL A 226 -18.56 15.77 24.76
C VAL A 226 -17.96 14.47 25.24
N PHE A 227 -17.25 13.74 24.39
CA PHE A 227 -16.66 12.48 24.84
C PHE A 227 -15.20 12.63 25.23
N THR A 228 -14.83 12.01 26.35
CA THR A 228 -13.46 12.09 26.88
C THR A 228 -12.53 11.10 26.19
N VAL A 229 -11.25 11.20 26.50
CA VAL A 229 -10.25 10.31 25.93
C VAL A 229 -10.50 8.87 26.36
N SER A 230 -10.83 8.68 27.64
CA SER A 230 -11.09 7.34 28.16
C SER A 230 -12.33 6.71 27.52
N GLN A 231 -13.38 7.51 27.33
CA GLN A 231 -14.60 6.98 26.69
C GLN A 231 -14.27 6.64 25.24
N SER A 232 -13.48 7.51 24.62
CA SER A 232 -13.09 7.32 23.22
C SER A 232 -12.18 6.10 23.04
N ARG A 233 -11.29 5.87 23.99
CA ARG A 233 -10.40 4.72 23.92
C ARG A 233 -11.23 3.44 24.04
N ARG A 234 -12.11 3.38 25.04
CA ARG A 234 -12.97 2.22 25.25
C ARG A 234 -13.86 1.98 24.04
N TYR A 235 -14.50 3.06 23.57
CA TYR A 235 -15.39 2.99 22.43
C TYR A 235 -14.70 2.48 21.17
N LEU A 236 -13.59 3.12 20.80
CA LEU A 236 -12.86 2.74 19.61
C LEU A 236 -12.22 1.34 19.72
N GLN A 237 -11.70 0.97 20.88
CA GLN A 237 -11.10 -0.34 21.03
C GLN A 237 -12.19 -1.40 20.81
N LYS A 238 -13.39 -1.08 21.26
CA LYS A 238 -14.53 -1.97 21.11
C LYS A 238 -14.85 -2.10 19.63
N ALA A 239 -14.84 -0.97 18.94
CA ALA A 239 -15.13 -0.92 17.51
C ALA A 239 -14.11 -1.76 16.75
N ALA A 240 -12.84 -1.64 17.12
CA ALA A 240 -11.78 -2.39 16.46
C ALA A 240 -11.96 -3.89 16.66
N GLU A 241 -12.39 -4.29 17.85
CA GLU A 241 -12.61 -5.71 18.15
C GLU A 241 -13.71 -6.28 17.25
N ALA A 242 -14.64 -5.41 16.84
CA ALA A 242 -15.74 -5.82 15.98
C ALA A 242 -15.31 -5.81 14.51
N GLY A 243 -14.07 -5.43 14.25
CA GLY A 243 -13.58 -5.41 12.89
C GLY A 243 -13.69 -4.09 12.15
N PHE A 244 -14.05 -3.02 12.86
CA PHE A 244 -14.18 -1.71 12.21
C PHE A 244 -12.88 -0.92 12.21
N GLY A 245 -12.64 -0.18 11.13
CA GLY A 245 -11.46 0.66 11.04
C GLY A 245 -11.71 1.81 12.00
N LEU A 246 -10.66 2.51 12.41
CA LEU A 246 -10.84 3.61 13.35
C LEU A 246 -10.51 5.01 12.83
N LYS A 247 -11.38 5.94 13.16
CA LYS A 247 -11.26 7.34 12.79
C LYS A 247 -11.67 8.17 14.00
N ILE A 248 -11.24 9.43 14.04
CA ILE A 248 -11.58 10.28 15.16
C ILE A 248 -11.52 11.77 14.82
N HIS A 249 -12.47 12.53 15.34
CA HIS A 249 -12.49 13.98 15.17
C HIS A 249 -11.68 14.36 16.39
N ALA A 250 -10.39 14.66 16.18
CA ALA A 250 -9.50 14.96 17.30
C ALA A 250 -8.93 16.36 17.42
N ASP A 251 -8.74 16.77 18.67
CA ASP A 251 -8.17 18.07 19.04
C ASP A 251 -8.57 19.21 18.10
N GLU A 252 -9.88 19.44 17.99
CA GLU A 252 -10.40 20.48 17.12
C GLU A 252 -10.09 21.87 17.64
N ILE A 253 -10.00 22.01 18.96
CA ILE A 253 -9.72 23.31 19.56
C ILE A 253 -8.47 23.27 20.45
N ASP A 254 -8.43 22.33 21.39
CA ASP A 254 -7.31 22.22 22.31
C ASP A 254 -6.56 20.90 22.18
N PRO A 255 -5.33 20.84 22.71
CA PRO A 255 -4.49 19.63 22.67
C PRO A 255 -5.00 18.64 23.73
N LEU A 256 -6.11 17.96 23.42
CA LEU A 256 -6.72 17.02 24.35
C LEU A 256 -6.07 15.65 24.40
N GLY A 257 -5.23 15.35 23.42
CA GLY A 257 -4.58 14.06 23.37
C GLY A 257 -5.35 13.12 22.45
N GLY A 258 -6.19 13.70 21.61
CA GLY A 258 -6.97 12.90 20.67
C GLY A 258 -6.05 12.31 19.62
N ALA A 259 -5.08 13.10 19.19
CA ALA A 259 -4.12 12.65 18.18
C ALA A 259 -3.26 11.54 18.76
N GLU A 260 -2.76 11.74 19.98
CA GLU A 260 -1.93 10.73 20.62
C GLU A 260 -2.70 9.41 20.72
N LEU A 261 -3.97 9.48 21.10
CA LEU A 261 -4.80 8.28 21.22
C LEU A 261 -4.97 7.57 19.88
N ALA A 262 -5.30 8.33 18.84
CA ALA A 262 -5.49 7.77 17.51
C ALA A 262 -4.25 7.00 17.05
N GLY A 263 -3.08 7.58 17.30
CA GLY A 263 -1.84 6.92 16.91
C GLY A 263 -1.61 5.63 17.70
N LYS A 264 -1.86 5.69 19.00
CA LYS A 264 -1.68 4.53 19.86
C LYS A 264 -2.61 3.40 19.46
N LEU A 265 -3.80 3.75 18.98
CA LEU A 265 -4.77 2.75 18.56
C LEU A 265 -4.59 2.38 17.09
N LYS A 266 -3.61 3.01 16.44
CA LYS A 266 -3.33 2.77 15.03
C LYS A 266 -4.56 3.03 14.16
N ALA A 267 -5.23 4.14 14.43
CA ALA A 267 -6.40 4.54 13.66
C ALA A 267 -5.97 4.84 12.23
N VAL A 268 -6.89 4.66 11.28
CA VAL A 268 -6.56 4.93 9.88
C VAL A 268 -6.34 6.43 9.70
N SER A 269 -7.08 7.24 10.44
CA SER A 269 -6.93 8.69 10.35
C SER A 269 -7.38 9.43 11.62
N ALA A 270 -6.89 10.65 11.75
CA ALA A 270 -7.24 11.54 12.86
C ALA A 270 -7.61 12.78 12.07
N ASP A 271 -8.80 13.32 12.29
CA ASP A 271 -9.28 14.45 11.52
C ASP A 271 -9.48 15.77 12.28
N HIS A 272 -9.34 16.87 11.55
CA HIS A 272 -9.47 18.24 12.06
C HIS A 272 -8.12 18.67 12.66
N LEU A 273 -7.88 18.30 13.91
CA LEU A 273 -6.60 18.56 14.58
C LEU A 273 -6.10 20.00 14.74
N VAL A 274 -6.96 21.00 14.65
CA VAL A 274 -6.46 22.37 14.79
C VAL A 274 -5.71 22.62 16.11
N GLY A 275 -6.19 22.04 17.20
CA GLY A 275 -5.54 22.25 18.48
C GLY A 275 -4.57 21.18 18.94
N THR A 276 -4.18 20.27 18.04
CA THR A 276 -3.29 19.18 18.41
C THR A 276 -1.87 19.63 18.80
N SER A 277 -1.25 18.89 19.72
CA SER A 277 0.09 19.21 20.22
C SER A 277 1.19 18.58 19.38
N ASP A 278 2.44 18.90 19.72
CA ASP A 278 3.57 18.35 19.01
C ASP A 278 3.68 16.85 19.26
N GLU A 279 3.33 16.42 20.47
CA GLU A 279 3.39 15.00 20.81
C GLU A 279 2.38 14.26 19.95
N GLY A 280 1.22 14.89 19.74
CA GLY A 280 0.20 14.29 18.91
C GLY A 280 0.70 14.11 17.49
N ILE A 281 1.28 15.17 16.93
CA ILE A 281 1.82 15.14 15.56
C ILE A 281 2.86 14.04 15.40
N LYS A 282 3.70 13.88 16.41
CA LYS A 282 4.75 12.86 16.39
C LYS A 282 4.15 11.46 16.43
N LYS A 283 3.06 11.30 17.18
CA LYS A 283 2.42 9.99 17.29
C LYS A 283 1.76 9.60 15.98
N LEU A 284 1.13 10.57 15.31
CA LEU A 284 0.47 10.32 14.04
C LEU A 284 1.49 9.85 13.00
N ALA A 285 2.58 10.60 12.90
CA ALA A 285 3.64 10.29 11.95
C ALA A 285 4.25 8.92 12.25
N GLU A 286 4.52 8.68 13.52
CA GLU A 286 5.10 7.42 13.97
C GLU A 286 4.20 6.23 13.70
N ALA A 287 2.89 6.41 13.90
CA ALA A 287 1.93 5.34 13.68
C ALA A 287 1.47 5.21 12.24
N GLY A 288 1.72 6.23 11.43
CA GLY A 288 1.30 6.18 10.04
C GLY A 288 -0.17 6.54 9.92
N THR A 289 -0.69 7.18 10.96
CA THR A 289 -2.08 7.61 10.98
C THR A 289 -2.18 8.86 10.12
N ILE A 290 -3.08 8.85 9.15
CA ILE A 290 -3.22 9.99 8.26
C ILE A 290 -3.99 11.14 8.89
N ALA A 291 -3.41 12.34 8.82
CA ALA A 291 -4.02 13.53 9.38
C ALA A 291 -4.87 14.21 8.33
N VAL A 292 -6.19 14.08 8.45
CA VAL A 292 -7.09 14.72 7.50
C VAL A 292 -7.41 16.12 7.98
N LEU A 293 -6.90 17.12 7.27
CA LEU A 293 -7.14 18.51 7.64
C LEU A 293 -8.43 19.03 7.01
N LEU A 294 -9.15 19.85 7.76
CA LEU A 294 -10.43 20.40 7.31
C LEU A 294 -10.37 21.92 7.32
N PRO A 295 -9.63 22.53 6.36
CA PRO A 295 -9.50 23.99 6.29
C PRO A 295 -10.80 24.76 6.09
N GLY A 296 -11.78 24.14 5.43
CA GLY A 296 -13.05 24.81 5.23
C GLY A 296 -13.78 25.02 6.54
N THR A 297 -13.65 24.05 7.44
CA THR A 297 -14.30 24.11 8.74
C THR A 297 -13.74 25.27 9.58
N THR A 298 -12.43 25.45 9.55
CA THR A 298 -11.80 26.55 10.30
C THR A 298 -12.29 27.86 9.71
N PHE A 299 -12.26 27.92 8.38
CA PHE A 299 -12.71 29.09 7.65
C PHE A 299 -14.17 29.42 7.95
N TYR A 300 -15.03 28.40 7.88
CA TYR A 300 -16.45 28.60 8.11
C TYR A 300 -16.79 28.99 9.54
N LEU A 301 -15.99 28.55 10.49
CA LEU A 301 -16.21 28.90 11.91
C LEU A 301 -15.81 30.36 12.14
N GLY A 302 -15.28 30.98 11.10
CA GLY A 302 -14.88 32.38 11.20
C GLY A 302 -13.56 32.59 11.93
N LYS A 303 -12.72 31.56 11.92
CA LYS A 303 -11.43 31.62 12.59
C LYS A 303 -10.33 31.85 11.56
N SER A 304 -9.10 32.07 12.05
CA SER A 304 -7.97 32.28 11.16
C SER A 304 -6.76 31.45 11.58
N THR A 305 -6.90 30.69 12.67
CA THR A 305 -5.83 29.82 13.14
C THR A 305 -6.13 28.44 12.58
N TYR A 306 -5.33 28.02 11.61
CA TYR A 306 -5.53 26.72 10.97
C TYR A 306 -4.62 25.64 11.54
N ALA A 307 -4.89 24.40 11.15
CA ALA A 307 -4.07 23.27 11.59
C ALA A 307 -2.65 23.52 11.12
N ARG A 308 -1.68 23.05 11.89
CA ARG A 308 -0.27 23.24 11.59
C ARG A 308 0.25 22.21 10.58
N ALA A 309 -0.24 22.33 9.35
CA ALA A 309 0.15 21.41 8.27
C ALA A 309 1.66 21.34 7.99
N ARG A 310 2.32 22.49 7.96
CA ARG A 310 3.76 22.50 7.70
C ARG A 310 4.53 21.73 8.76
N ALA A 311 4.14 21.91 10.02
CA ALA A 311 4.81 21.19 11.11
C ALA A 311 4.56 19.70 10.94
N MET A 312 3.34 19.32 10.58
CA MET A 312 3.00 17.92 10.39
C MET A 312 3.84 17.30 9.28
N ILE A 313 3.92 18.00 8.14
CA ILE A 313 4.69 17.51 7.00
C ILE A 313 6.18 17.46 7.34
N ASP A 314 6.66 18.45 8.09
CA ASP A 314 8.08 18.49 8.48
C ASP A 314 8.40 17.28 9.36
N GLU A 315 7.39 16.79 10.06
CA GLU A 315 7.56 15.67 10.98
C GLU A 315 7.29 14.30 10.36
N GLY A 316 7.05 14.25 9.06
CA GLY A 316 6.81 12.96 8.41
C GLY A 316 5.38 12.46 8.45
N VAL A 317 4.44 13.35 8.74
CA VAL A 317 3.03 12.96 8.78
C VAL A 317 2.48 12.88 7.36
N CYS A 318 1.50 12.01 7.16
CA CYS A 318 0.84 11.88 5.87
C CYS A 318 -0.38 12.79 5.98
N VAL A 319 -0.39 13.87 5.21
CA VAL A 319 -1.50 14.82 5.27
C VAL A 319 -2.52 14.69 4.14
N SER A 320 -3.79 14.82 4.51
CA SER A 320 -4.88 14.77 3.53
C SER A 320 -5.80 15.96 3.78
N LEU A 321 -6.78 16.14 2.89
CA LEU A 321 -7.71 17.26 2.98
C LEU A 321 -9.13 16.79 2.68
N ALA A 322 -10.12 17.53 3.17
CA ALA A 322 -11.52 17.17 2.93
C ALA A 322 -12.41 18.39 3.10
N THR A 323 -13.64 18.28 2.60
CA THR A 323 -14.59 19.38 2.71
C THR A 323 -15.27 19.37 4.08
N ASP A 324 -15.34 18.20 4.70
CA ASP A 324 -16.03 18.04 5.97
C ASP A 324 -17.46 18.52 5.72
N PHE A 325 -17.95 18.27 4.51
CA PHE A 325 -19.29 18.69 4.13
C PHE A 325 -20.32 18.33 5.19
N ASN A 326 -20.87 19.34 5.83
CA ASN A 326 -21.87 19.14 6.85
C ASN A 326 -22.59 20.48 7.02
N PRO A 327 -23.87 20.44 7.36
CA PRO A 327 -24.66 21.67 7.54
C PRO A 327 -24.26 22.60 8.68
N GLY A 328 -23.50 22.10 9.64
CA GLY A 328 -23.15 22.92 10.78
C GLY A 328 -21.85 23.72 10.77
N SER A 329 -20.75 23.10 10.35
CA SER A 329 -19.46 23.80 10.36
C SER A 329 -18.73 23.89 9.03
N SER A 330 -19.24 23.26 7.98
CA SER A 330 -18.59 23.36 6.69
C SER A 330 -19.52 22.97 5.55
N PRO A 331 -20.56 23.77 5.32
CA PRO A 331 -21.52 23.45 4.25
C PRO A 331 -21.03 23.77 2.85
N THR A 332 -20.05 23.00 2.36
CA THR A 332 -19.55 23.18 1.00
C THR A 332 -19.18 21.83 0.40
N GLU A 333 -19.54 21.63 -0.86
CA GLU A 333 -19.22 20.39 -1.57
C GLU A 333 -18.01 20.65 -2.46
N ASN A 334 -17.59 21.91 -2.53
CA ASN A 334 -16.48 22.33 -3.38
C ASN A 334 -15.10 21.97 -2.87
N ILE A 335 -14.63 20.77 -3.23
CA ILE A 335 -13.33 20.30 -2.80
C ILE A 335 -12.20 21.15 -3.40
N GLN A 336 -12.47 21.83 -4.51
CA GLN A 336 -11.48 22.69 -5.15
C GLN A 336 -11.21 23.91 -4.28
N LEU A 337 -12.23 24.37 -3.57
CA LEU A 337 -12.05 25.52 -2.68
C LEU A 337 -11.19 25.07 -1.52
N ILE A 338 -11.38 23.82 -1.11
CA ILE A 338 -10.59 23.26 -0.02
C ILE A 338 -9.13 23.29 -0.46
N MET A 339 -8.88 22.99 -1.74
CA MET A 339 -7.52 23.00 -2.26
C MET A 339 -6.95 24.42 -2.22
N SER A 340 -7.78 25.40 -2.55
CA SER A 340 -7.33 26.80 -2.52
C SER A 340 -7.03 27.26 -1.10
N ILE A 341 -7.90 26.90 -0.15
CA ILE A 341 -7.67 27.30 1.24
C ILE A 341 -6.42 26.63 1.80
N ALA A 342 -6.18 25.39 1.40
CA ALA A 342 -5.00 24.66 1.89
C ALA A 342 -3.73 25.38 1.47
N ALA A 343 -3.73 25.91 0.25
CA ALA A 343 -2.58 26.63 -0.26
C ALA A 343 -2.40 27.97 0.44
N LEU A 344 -3.49 28.73 0.51
CA LEU A 344 -3.47 30.06 1.09
C LEU A 344 -3.41 30.14 2.62
N HIS A 345 -3.97 29.14 3.29
CA HIS A 345 -3.99 29.16 4.74
C HIS A 345 -3.32 28.00 5.47
N LEU A 346 -3.19 26.86 4.81
CA LEU A 346 -2.51 25.72 5.42
C LEU A 346 -1.05 25.80 4.98
N LYS A 347 -0.77 26.73 4.06
CA LYS A 347 0.58 26.93 3.54
C LYS A 347 1.18 25.67 2.92
N MET A 348 0.37 24.94 2.18
CA MET A 348 0.82 23.73 1.50
C MET A 348 1.05 24.10 0.04
N THR A 349 2.00 23.44 -0.61
CA THR A 349 2.31 23.72 -2.00
C THR A 349 1.29 23.03 -2.90
N ALA A 350 1.24 23.42 -4.17
CA ALA A 350 0.31 22.80 -5.12
C ALA A 350 0.61 21.30 -5.21
N GLU A 351 1.88 20.94 -5.20
CA GLU A 351 2.26 19.53 -5.29
C GLU A 351 1.71 18.74 -4.10
N GLU A 352 1.89 19.26 -2.89
CA GLU A 352 1.41 18.59 -1.69
C GLU A 352 -0.11 18.46 -1.70
N ILE A 353 -0.79 19.53 -2.11
CA ILE A 353 -2.25 19.54 -2.16
C ILE A 353 -2.81 18.47 -3.08
N TRP A 354 -2.23 18.34 -4.28
CA TRP A 354 -2.71 17.33 -5.22
C TRP A 354 -2.57 15.92 -4.66
N HIS A 355 -1.46 15.65 -3.99
CA HIS A 355 -1.26 14.32 -3.39
C HIS A 355 -2.26 14.14 -2.25
N ALA A 356 -2.55 15.24 -1.56
CA ALA A 356 -3.49 15.20 -0.43
C ALA A 356 -4.91 14.83 -0.83
N VAL A 357 -5.38 15.33 -1.97
CA VAL A 357 -6.75 15.05 -2.40
C VAL A 357 -6.92 13.82 -3.30
N THR A 358 -5.88 13.04 -3.48
CA THR A 358 -5.97 11.83 -4.29
C THR A 358 -5.42 10.64 -3.52
N VAL A 359 -4.12 10.44 -3.59
CA VAL A 359 -3.47 9.32 -2.91
C VAL A 359 -3.70 9.28 -1.39
N ASN A 360 -3.33 10.35 -0.69
CA ASN A 360 -3.50 10.35 0.75
C ASN A 360 -4.95 10.28 1.21
N ALA A 361 -5.84 10.90 0.45
CA ALA A 361 -7.27 10.87 0.79
C ALA A 361 -7.75 9.43 0.61
N ALA A 362 -7.29 8.78 -0.45
CA ALA A 362 -7.66 7.39 -0.72
C ALA A 362 -7.24 6.49 0.45
N TYR A 363 -5.98 6.59 0.88
CA TYR A 363 -5.53 5.77 1.99
C TYR A 363 -6.23 6.10 3.31
N ALA A 364 -6.68 7.34 3.45
CA ALA A 364 -7.35 7.75 4.67
C ALA A 364 -8.69 7.02 4.87
N ILE A 365 -9.19 6.40 3.81
CA ILE A 365 -10.46 5.70 3.91
C ILE A 365 -10.39 4.25 3.43
N GLY A 366 -9.20 3.66 3.50
CA GLY A 366 -9.01 2.27 3.10
C GLY A 366 -9.16 2.00 1.63
N LYS A 367 -9.01 3.02 0.80
CA LYS A 367 -9.14 2.88 -0.64
C LYS A 367 -7.84 3.21 -1.38
N GLY A 368 -6.72 3.12 -0.67
CA GLY A 368 -5.43 3.42 -1.28
C GLY A 368 -5.11 2.59 -2.52
N GLU A 369 -5.61 1.36 -2.56
CA GLU A 369 -5.37 0.48 -3.69
C GLU A 369 -6.45 0.58 -4.77
N GLU A 370 -7.48 1.38 -4.50
CA GLU A 370 -8.58 1.49 -5.44
C GLU A 370 -8.80 2.84 -6.11
N ALA A 371 -8.43 3.93 -5.44
CA ALA A 371 -8.64 5.25 -6.01
C ALA A 371 -7.43 6.16 -5.85
N GLY A 372 -7.53 7.35 -6.44
CA GLY A 372 -6.47 8.33 -6.34
C GLY A 372 -5.29 8.22 -7.28
N GLN A 373 -5.28 7.20 -8.13
CA GLN A 373 -4.17 7.01 -9.06
C GLN A 373 -4.60 6.53 -10.43
N LEU A 374 -3.91 7.02 -11.46
CA LEU A 374 -4.20 6.59 -12.82
C LEU A 374 -3.05 5.71 -13.28
N LYS A 375 -3.22 4.41 -13.13
CA LYS A 375 -2.22 3.45 -13.55
C LYS A 375 -2.91 2.14 -13.89
N ALA A 376 -2.21 1.28 -14.61
CA ALA A 376 -2.77 0.00 -15.04
C ALA A 376 -3.57 -0.72 -13.97
N GLY A 377 -4.77 -1.17 -14.35
CA GLY A 377 -5.62 -1.91 -13.42
C GLY A 377 -6.60 -1.10 -12.60
N ARG A 378 -6.32 0.18 -12.37
CA ARG A 378 -7.21 1.02 -11.58
C ARG A 378 -8.49 1.37 -12.32
N SER A 379 -9.57 1.52 -11.57
CA SER A 379 -10.85 1.91 -12.15
C SER A 379 -10.57 3.22 -12.89
N ALA A 380 -11.13 3.36 -14.08
CA ALA A 380 -10.92 4.56 -14.89
C ALA A 380 -11.70 5.78 -14.39
N ASP A 381 -11.24 6.35 -13.28
CA ASP A 381 -11.89 7.52 -12.70
C ASP A 381 -10.95 8.71 -12.87
N LEU A 382 -11.36 9.69 -13.67
CA LEU A 382 -10.51 10.84 -13.89
C LEU A 382 -11.28 12.12 -14.12
N VAL A 383 -10.56 13.23 -14.11
CA VAL A 383 -11.15 14.53 -14.34
C VAL A 383 -10.35 15.24 -15.41
N ILE A 384 -11.06 15.82 -16.36
CA ILE A 384 -10.41 16.59 -17.42
C ILE A 384 -10.71 18.02 -17.00
N TRP A 385 -9.66 18.80 -16.73
CA TRP A 385 -9.81 20.17 -16.24
C TRP A 385 -9.81 21.29 -17.27
N GLN A 386 -10.42 22.41 -16.89
CA GLN A 386 -10.46 23.60 -17.72
C GLN A 386 -9.25 24.42 -17.33
N ALA A 387 -8.08 23.83 -17.45
CA ALA A 387 -6.83 24.49 -17.12
C ALA A 387 -5.71 23.73 -17.79
N PRO A 388 -4.63 24.43 -18.17
CA PRO A 388 -3.49 23.79 -18.83
C PRO A 388 -2.52 23.14 -17.85
N ASN A 389 -2.43 23.67 -16.63
CA ASN A 389 -1.50 23.13 -15.63
C ASN A 389 -2.13 22.93 -14.25
N TYR A 390 -1.47 22.10 -13.43
CA TYR A 390 -1.96 21.77 -12.10
C TYR A 390 -1.90 22.89 -11.06
N MET A 391 -1.01 23.86 -11.27
CA MET A 391 -0.88 24.97 -10.35
C MET A 391 -2.08 25.92 -10.45
N TYR A 392 -2.71 25.95 -11.62
CA TYR A 392 -3.84 26.83 -11.87
C TYR A 392 -5.08 26.53 -11.01
N ILE A 393 -5.32 25.25 -10.73
CA ILE A 393 -6.49 24.84 -9.96
C ILE A 393 -6.59 25.49 -8.58
N PRO A 394 -5.62 25.25 -7.69
CA PRO A 394 -5.76 25.90 -6.38
C PRO A 394 -5.60 27.42 -6.44
N TYR A 395 -4.92 27.89 -7.49
CA TYR A 395 -4.67 29.32 -7.70
C TYR A 395 -5.94 30.15 -7.94
N HIS A 396 -6.78 29.71 -8.87
CA HIS A 396 -8.03 30.42 -9.20
C HIS A 396 -9.09 29.82 -8.30
N TYR A 397 -9.59 30.61 -7.35
CA TYR A 397 -10.52 30.10 -6.35
C TYR A 397 -12.02 30.39 -6.40
N GLY A 398 -12.75 29.57 -5.65
CA GLY A 398 -14.20 29.70 -5.50
C GLY A 398 -15.07 29.24 -6.64
N VAL A 399 -14.47 28.68 -7.68
CA VAL A 399 -15.25 28.26 -8.82
C VAL A 399 -15.15 26.77 -9.08
N ASN A 400 -15.61 26.35 -10.24
CA ASN A 400 -15.55 24.96 -10.62
C ASN A 400 -14.75 24.87 -11.90
N HIS A 401 -13.56 24.28 -11.82
CA HIS A 401 -12.66 24.15 -12.97
C HIS A 401 -12.88 22.89 -13.77
N VAL A 402 -13.84 22.07 -13.36
CA VAL A 402 -14.11 20.81 -14.05
C VAL A 402 -14.61 21.00 -15.48
N HIS A 403 -14.04 20.23 -16.40
CA HIS A 403 -14.50 20.26 -17.79
C HIS A 403 -15.34 19.00 -17.95
N GLN A 404 -14.78 17.86 -17.58
CA GLN A 404 -15.51 16.59 -17.65
C GLN A 404 -15.03 15.61 -16.58
N VAL A 405 -15.95 14.80 -16.05
CA VAL A 405 -15.57 13.81 -15.06
C VAL A 405 -15.88 12.41 -15.58
N MET A 406 -14.93 11.51 -15.43
CA MET A 406 -15.08 10.13 -15.87
C MET A 406 -15.08 9.17 -14.68
N LYS A 407 -16.08 8.29 -14.63
CA LYS A 407 -16.17 7.30 -13.58
C LYS A 407 -16.31 5.95 -14.28
N ASN A 408 -15.48 4.98 -13.89
CA ASN A 408 -15.50 3.64 -14.46
C ASN A 408 -15.41 3.66 -15.98
N GLY A 409 -14.66 4.62 -16.53
CA GLY A 409 -14.48 4.70 -17.97
C GLY A 409 -15.55 5.42 -18.76
N THR A 410 -16.53 6.01 -18.07
CA THR A 410 -17.61 6.71 -18.75
C THR A 410 -17.72 8.15 -18.25
N ILE A 411 -17.93 9.08 -19.17
CA ILE A 411 -18.08 10.49 -18.80
C ILE A 411 -19.40 10.58 -18.03
N VAL A 412 -19.36 11.05 -16.80
CA VAL A 412 -20.55 11.19 -15.97
C VAL A 412 -20.87 12.67 -15.74
N VAL A 413 -19.92 13.53 -16.07
CA VAL A 413 -20.10 14.97 -15.93
C VAL A 413 -19.51 15.64 -17.17
N ASN A 414 -20.33 16.42 -17.86
CA ASN A 414 -19.87 17.10 -19.07
C ASN A 414 -20.06 18.60 -18.99
N ARG A 415 -18.94 19.32 -18.94
CA ARG A 415 -18.92 20.78 -18.86
C ARG A 415 -19.62 21.33 -17.62
N LYS B 3 -22.52 -12.68 -14.32
CA LYS B 3 -21.60 -13.50 -13.48
C LYS B 3 -21.24 -14.80 -14.18
N GLN B 4 -20.58 -14.66 -15.33
CA GLN B 4 -20.14 -15.80 -16.13
C GLN B 4 -18.62 -15.72 -16.15
N ILE B 5 -17.98 -16.62 -15.39
CA ILE B 5 -16.52 -16.61 -15.29
C ILE B 5 -15.81 -17.90 -15.71
N ASP B 6 -14.52 -17.78 -15.98
CA ASP B 6 -13.69 -18.89 -16.43
C ASP B 6 -13.54 -20.05 -15.46
N THR B 7 -13.12 -19.75 -14.24
CA THR B 7 -12.85 -20.79 -13.26
C THR B 7 -13.29 -20.53 -11.84
N ILE B 8 -13.53 -21.63 -11.12
CA ILE B 8 -13.91 -21.54 -9.72
C ILE B 8 -13.32 -22.75 -8.98
N LEU B 9 -12.62 -22.47 -7.89
CA LEU B 9 -12.05 -23.52 -7.07
C LEU B 9 -13.07 -23.72 -5.94
N ILE B 10 -13.49 -24.97 -5.74
CA ILE B 10 -14.45 -25.26 -4.68
C ILE B 10 -13.87 -26.25 -3.67
N ASN B 11 -14.58 -26.41 -2.56
CA ASN B 11 -14.19 -27.33 -1.50
C ASN B 11 -12.74 -27.12 -1.07
N ILE B 12 -12.40 -25.88 -0.77
CA ILE B 12 -11.08 -25.53 -0.29
C ILE B 12 -11.19 -25.71 1.22
N GLY B 13 -10.38 -26.59 1.79
CA GLY B 13 -10.44 -26.81 3.22
C GLY B 13 -10.04 -25.58 4.01
N GLN B 14 -8.98 -24.91 3.57
CA GLN B 14 -8.50 -23.71 4.25
C GLN B 14 -7.95 -22.74 3.23
N LEU B 15 -8.39 -21.49 3.31
CA LEU B 15 -7.99 -20.46 2.38
C LEU B 15 -7.30 -19.29 3.07
N LEU B 16 -6.13 -18.91 2.59
CA LEU B 16 -5.40 -17.77 3.14
C LEU B 16 -5.32 -16.72 2.02
N THR B 17 -6.07 -15.63 2.16
CA THR B 17 -6.06 -14.58 1.15
C THR B 17 -4.91 -13.60 1.41
N MET B 18 -4.49 -13.51 2.67
CA MET B 18 -3.42 -12.60 3.07
C MET B 18 -3.81 -11.17 2.74
N GLU B 19 -5.12 -10.92 2.62
CA GLU B 19 -5.58 -9.58 2.29
C GLU B 19 -5.07 -8.56 3.30
N SER B 20 -4.41 -7.54 2.79
CA SER B 20 -3.85 -6.48 3.62
C SER B 20 -3.97 -5.14 2.91
N SER B 21 -3.74 -4.05 3.63
CA SER B 21 -3.80 -2.72 3.04
C SER B 21 -2.38 -2.16 2.93
N GLY B 22 -1.40 -2.98 3.31
CA GLY B 22 -0.01 -2.57 3.26
C GLY B 22 0.87 -3.65 3.89
N PRO B 23 2.19 -3.45 3.97
CA PRO B 23 3.08 -4.45 4.56
C PRO B 23 2.72 -4.70 6.02
N ARG B 24 2.97 -5.92 6.50
CA ARG B 24 2.66 -6.27 7.88
C ARG B 24 3.87 -6.20 8.81
N ALA B 25 3.78 -5.31 9.78
CA ALA B 25 4.87 -5.10 10.73
C ALA B 25 4.46 -5.52 12.13
N GLY B 26 5.46 -5.82 12.95
CA GLY B 26 5.21 -6.22 14.32
C GLY B 26 4.03 -7.17 14.51
N LYS B 27 3.17 -6.84 15.48
CA LYS B 27 2.02 -7.67 15.81
C LYS B 27 1.11 -8.04 14.65
N SER B 28 0.99 -7.18 13.64
CA SER B 28 0.11 -7.49 12.53
C SER B 28 0.58 -8.73 11.75
N MET B 29 1.85 -9.09 11.89
CA MET B 29 2.37 -10.28 11.20
C MET B 29 1.73 -11.54 11.76
N GLN B 30 1.22 -11.44 12.98
CA GLN B 30 0.61 -12.58 13.64
C GLN B 30 -0.89 -12.73 13.34
N ASP B 31 -1.51 -11.64 12.93
CA ASP B 31 -2.95 -11.62 12.64
C ASP B 31 -3.32 -12.24 11.29
N LEU B 32 -3.17 -13.56 11.19
CA LEU B 32 -3.48 -14.30 9.97
C LEU B 32 -4.97 -14.58 9.88
N HIS B 33 -5.57 -14.23 8.75
CA HIS B 33 -7.00 -14.47 8.55
C HIS B 33 -7.18 -15.81 7.85
N VAL B 34 -7.75 -16.77 8.57
CA VAL B 34 -7.97 -18.11 8.02
C VAL B 34 -9.44 -18.37 7.72
N ILE B 35 -9.72 -18.77 6.48
CA ILE B 35 -11.09 -19.06 6.07
C ILE B 35 -11.25 -20.55 5.81
N GLU B 36 -12.22 -21.17 6.46
CA GLU B 36 -12.45 -22.60 6.28
C GLU B 36 -13.64 -22.86 5.38
N ASP B 37 -13.54 -23.89 4.55
CA ASP B 37 -14.59 -24.24 3.60
C ASP B 37 -14.81 -23.01 2.73
N ALA B 38 -13.84 -22.74 1.85
CA ALA B 38 -13.87 -21.56 1.00
C ALA B 38 -13.92 -21.85 -0.50
N VAL B 39 -13.99 -20.77 -1.27
CA VAL B 39 -14.05 -20.85 -2.73
C VAL B 39 -13.28 -19.68 -3.35
N VAL B 40 -12.84 -19.87 -4.59
CA VAL B 40 -12.12 -18.82 -5.31
C VAL B 40 -12.61 -18.72 -6.75
N GLY B 41 -13.01 -17.52 -7.16
CA GLY B 41 -13.50 -17.30 -8.50
C GLY B 41 -12.47 -16.60 -9.35
N ILE B 42 -12.29 -17.06 -10.57
CA ILE B 42 -11.29 -16.47 -11.45
C ILE B 42 -11.83 -16.23 -12.86
N HIS B 43 -11.53 -15.05 -13.41
CA HIS B 43 -11.98 -14.72 -14.75
C HIS B 43 -10.96 -13.84 -15.44
N GLU B 44 -10.62 -14.20 -16.68
CA GLU B 44 -9.65 -13.44 -17.46
C GLU B 44 -8.34 -13.22 -16.71
N GLN B 45 -7.82 -14.30 -16.13
CA GLN B 45 -6.56 -14.25 -15.39
C GLN B 45 -6.60 -13.53 -14.05
N LYS B 46 -7.74 -12.96 -13.70
CA LYS B 46 -7.85 -12.23 -12.46
C LYS B 46 -8.76 -12.87 -11.42
N ILE B 47 -8.56 -12.50 -10.16
CA ILE B 47 -9.39 -13.02 -9.07
C ILE B 47 -10.67 -12.19 -9.06
N VAL B 48 -11.82 -12.84 -9.02
CA VAL B 48 -13.09 -12.13 -8.97
C VAL B 48 -13.55 -12.14 -7.52
N PHE B 49 -13.44 -13.30 -6.88
CA PHE B 49 -13.81 -13.44 -5.47
C PHE B 49 -13.00 -14.56 -4.82
N ALA B 50 -12.86 -14.47 -3.49
CA ALA B 50 -12.12 -15.46 -2.74
C ALA B 50 -12.51 -15.32 -1.28
N GLY B 51 -13.38 -16.22 -0.83
CA GLY B 51 -13.83 -16.17 0.54
C GLY B 51 -14.59 -17.41 0.95
N GLN B 52 -15.51 -17.23 1.88
CA GLN B 52 -16.33 -18.32 2.41
C GLN B 52 -17.28 -18.91 1.37
N LYS B 53 -17.48 -20.22 1.45
CA LYS B 53 -18.38 -20.91 0.53
C LYS B 53 -19.68 -20.10 0.46
N GLY B 54 -20.23 -19.97 -0.74
CA GLY B 54 -21.45 -19.20 -0.90
C GLY B 54 -21.19 -17.97 -1.76
N ALA B 55 -19.94 -17.49 -1.74
CA ALA B 55 -19.56 -16.32 -2.51
C ALA B 55 -19.69 -16.59 -4.01
N GLU B 56 -19.80 -17.86 -4.38
CA GLU B 56 -19.92 -18.23 -5.79
C GLU B 56 -21.38 -18.24 -6.23
N ALA B 57 -22.28 -17.92 -5.32
CA ALA B 57 -23.71 -17.91 -5.63
C ALA B 57 -24.02 -17.10 -6.88
N GLY B 58 -24.82 -17.68 -7.77
CA GLY B 58 -25.20 -16.99 -8.99
C GLY B 58 -24.22 -17.00 -10.15
N TYR B 59 -23.02 -17.54 -9.92
CA TYR B 59 -22.01 -17.59 -10.97
C TYR B 59 -22.07 -18.81 -11.90
N GLU B 60 -21.74 -18.56 -13.16
CA GLU B 60 -21.69 -19.60 -14.18
C GLU B 60 -20.19 -19.80 -14.44
N ALA B 61 -19.67 -20.98 -14.18
CA ALA B 61 -18.24 -21.24 -14.40
C ALA B 61 -17.98 -22.33 -15.44
N ASP B 62 -16.93 -22.16 -16.23
CA ASP B 62 -16.58 -23.13 -17.26
C ASP B 62 -15.70 -24.27 -16.73
N GLU B 63 -14.94 -23.97 -15.68
CA GLU B 63 -14.06 -24.96 -15.08
C GLU B 63 -14.18 -24.92 -13.57
N ILE B 64 -14.73 -25.98 -13.01
CA ILE B 64 -14.89 -26.07 -11.57
C ILE B 64 -13.84 -27.04 -11.01
N ILE B 65 -12.94 -26.52 -10.20
CA ILE B 65 -11.87 -27.32 -9.62
C ILE B 65 -12.12 -27.68 -8.16
N ASP B 66 -12.32 -28.98 -7.91
CA ASP B 66 -12.56 -29.48 -6.55
C ASP B 66 -11.21 -29.60 -5.88
N CYS B 67 -10.99 -28.81 -4.84
CA CYS B 67 -9.72 -28.82 -4.13
C CYS B 67 -9.63 -29.88 -3.02
N SER B 68 -10.66 -30.72 -2.94
CA SER B 68 -10.71 -31.81 -1.96
C SER B 68 -10.27 -31.47 -0.54
N GLY B 69 -10.70 -30.32 -0.03
CA GLY B 69 -10.33 -29.92 1.32
C GLY B 69 -8.89 -29.51 1.51
N ARG B 70 -8.19 -29.24 0.42
CA ARG B 70 -6.79 -28.83 0.50
C ARG B 70 -6.61 -27.37 0.89
N LEU B 71 -5.38 -27.03 1.29
CA LEU B 71 -5.03 -25.66 1.65
C LEU B 71 -4.73 -24.87 0.38
N VAL B 72 -5.27 -23.66 0.31
CA VAL B 72 -5.04 -22.77 -0.82
C VAL B 72 -4.55 -21.42 -0.30
N THR B 73 -3.48 -20.92 -0.90
CA THR B 73 -2.87 -19.65 -0.51
C THR B 73 -2.40 -18.96 -1.78
N PRO B 74 -1.95 -17.69 -1.67
CA PRO B 74 -1.47 -16.98 -2.86
C PRO B 74 -0.17 -17.64 -3.29
N GLY B 75 0.26 -17.39 -4.52
CA GLY B 75 1.52 -17.96 -4.96
C GLY B 75 2.59 -17.34 -4.09
N LEU B 76 3.67 -18.05 -3.83
CA LEU B 76 4.72 -17.50 -2.98
C LEU B 76 5.61 -16.51 -3.73
N VAL B 77 6.26 -15.64 -2.97
CA VAL B 77 7.15 -14.62 -3.52
C VAL B 77 8.53 -14.78 -2.90
N ASP B 78 9.55 -14.94 -3.74
CA ASP B 78 10.94 -15.08 -3.29
C ASP B 78 11.57 -13.74 -3.64
N PRO B 79 11.63 -12.82 -2.66
CA PRO B 79 12.17 -11.46 -2.80
C PRO B 79 13.68 -11.23 -2.81
N HIS B 80 14.47 -12.29 -2.94
CA HIS B 80 15.90 -12.11 -2.93
C HIS B 80 16.64 -13.34 -3.44
N THR B 81 17.09 -13.27 -4.70
CA THR B 81 17.84 -14.36 -5.33
C THR B 81 18.90 -13.82 -6.27
N HIS B 82 19.85 -14.68 -6.63
CA HIS B 82 20.93 -14.36 -7.56
C HIS B 82 20.81 -15.41 -8.66
N LEU B 83 19.59 -15.58 -9.15
CA LEU B 83 19.23 -16.56 -10.18
C LEU B 83 20.24 -16.80 -11.29
N VAL B 84 20.55 -15.75 -12.05
CA VAL B 84 21.46 -15.87 -13.19
C VAL B 84 22.94 -15.97 -12.79
N PHE B 85 23.53 -17.14 -13.03
CA PHE B 85 24.93 -17.34 -12.71
C PHE B 85 25.49 -18.50 -13.53
N GLY B 86 26.80 -18.48 -13.74
CA GLY B 86 27.44 -19.55 -14.48
C GLY B 86 28.13 -20.53 -13.54
N GLY B 87 28.33 -21.76 -14.00
CA GLY B 87 28.98 -22.79 -13.20
C GLY B 87 28.33 -23.05 -11.86
N SER B 88 29.08 -23.67 -10.96
CA SER B 88 28.59 -24.00 -9.62
C SER B 88 29.80 -24.07 -8.69
N ARG B 89 29.58 -23.96 -7.38
CA ARG B 89 30.70 -23.94 -6.44
C ARG B 89 30.91 -25.18 -5.56
N GLU B 90 30.50 -26.35 -6.05
CA GLU B 90 30.66 -27.56 -5.22
C GLU B 90 32.09 -27.85 -4.80
N LYS B 91 33.07 -27.50 -5.63
CA LYS B 91 34.46 -27.77 -5.27
C LYS B 91 34.98 -26.86 -4.17
N GLU B 92 34.12 -25.97 -3.67
CA GLU B 92 34.49 -25.07 -2.59
C GLU B 92 34.02 -25.64 -1.24
N MET B 93 33.30 -26.76 -1.29
CA MET B 93 32.81 -27.43 -0.07
C MET B 93 33.93 -27.70 0.94
N ASN B 94 35.00 -28.34 0.46
CA ASN B 94 36.13 -28.67 1.33
C ASN B 94 36.79 -27.48 2.01
N LEU B 95 36.85 -26.33 1.33
CA LEU B 95 37.46 -25.15 1.92
C LEU B 95 36.67 -24.76 3.17
N LYS B 96 35.35 -24.80 3.06
CA LYS B 96 34.47 -24.49 4.17
C LYS B 96 34.62 -25.54 5.25
N LEU B 97 34.66 -26.80 4.84
CA LEU B 97 34.82 -27.90 5.78
C LEU B 97 36.15 -27.72 6.53
N GLN B 98 37.16 -27.25 5.81
CA GLN B 98 38.49 -27.02 6.38
C GLN B 98 38.50 -25.83 7.33
N GLY B 99 37.34 -25.20 7.50
CA GLY B 99 37.26 -24.07 8.41
C GLY B 99 37.64 -22.71 7.88
N ILE B 100 37.77 -22.57 6.56
CA ILE B 100 38.11 -21.26 5.99
C ILE B 100 36.80 -20.47 5.92
N SER B 101 36.81 -19.26 6.45
CA SER B 101 35.61 -18.43 6.47
C SER B 101 35.19 -17.97 5.08
N TYR B 102 33.90 -17.67 4.97
CA TYR B 102 33.31 -17.20 3.72
C TYR B 102 34.09 -16.00 3.18
N LEU B 103 34.38 -15.03 4.03
CA LEU B 103 35.12 -13.85 3.57
C LEU B 103 36.59 -14.14 3.25
N ASP B 104 37.18 -15.13 3.92
CA ASP B 104 38.56 -15.48 3.64
C ASP B 104 38.68 -16.16 2.28
N ILE B 105 37.64 -16.91 1.90
CA ILE B 105 37.65 -17.57 0.60
C ILE B 105 37.59 -16.49 -0.47
N LEU B 106 36.74 -15.48 -0.23
CA LEU B 106 36.59 -14.38 -1.18
C LEU B 106 37.89 -13.60 -1.29
N ALA B 107 38.56 -13.41 -0.16
CA ALA B 107 39.83 -12.70 -0.13
C ALA B 107 40.92 -13.43 -0.89
N GLN B 108 40.81 -14.75 -1.03
CA GLN B 108 41.80 -15.51 -1.76
C GLN B 108 41.49 -15.57 -3.25
N GLY B 109 40.47 -14.81 -3.67
CA GLY B 109 40.11 -14.76 -5.06
C GLY B 109 39.01 -15.73 -5.48
N GLY B 110 38.45 -16.44 -4.52
CA GLY B 110 37.38 -17.38 -4.83
C GLY B 110 36.04 -16.79 -4.44
N GLY B 111 35.10 -17.65 -4.10
CA GLY B 111 33.76 -17.19 -3.71
C GLY B 111 33.05 -16.48 -4.83
N ILE B 112 32.48 -15.32 -4.53
CA ILE B 112 31.77 -14.53 -5.54
C ILE B 112 32.65 -14.38 -6.79
N LEU B 113 33.94 -14.13 -6.56
CA LEU B 113 34.86 -13.95 -7.68
C LEU B 113 35.01 -15.21 -8.53
N SER B 114 34.79 -16.38 -7.93
CA SER B 114 34.89 -17.63 -8.69
C SER B 114 33.70 -17.71 -9.64
N THR B 115 32.52 -17.40 -9.12
CA THR B 115 31.31 -17.41 -9.93
C THR B 115 31.35 -16.29 -10.98
N VAL B 116 32.05 -15.20 -10.67
CA VAL B 116 32.18 -14.10 -11.62
C VAL B 116 32.94 -14.62 -12.85
N LYS B 117 34.01 -15.36 -12.59
CA LYS B 117 34.80 -15.92 -13.66
C LYS B 117 33.93 -16.86 -14.50
N ASP B 118 33.10 -17.65 -13.84
CA ASP B 118 32.22 -18.60 -14.51
C ASP B 118 31.09 -17.92 -15.30
N THR B 119 30.54 -16.84 -14.74
CA THR B 119 29.45 -16.13 -15.40
C THR B 119 29.96 -15.31 -16.57
N ARG B 120 31.18 -14.79 -16.45
CA ARG B 120 31.76 -14.03 -17.54
C ARG B 120 32.00 -14.96 -18.73
N ALA B 121 32.39 -16.20 -18.45
CA ALA B 121 32.68 -17.17 -19.50
C ALA B 121 31.45 -17.79 -20.16
N ALA B 122 30.36 -17.93 -19.41
CA ALA B 122 29.14 -18.53 -19.95
C ALA B 122 28.50 -17.64 -21.01
N SER B 123 28.04 -18.26 -22.08
CA SER B 123 27.39 -17.51 -23.16
C SER B 123 26.03 -17.08 -22.65
N GLU B 124 25.47 -16.06 -23.27
CA GLU B 124 24.16 -15.57 -22.85
C GLU B 124 23.12 -16.69 -23.00
N GLU B 125 23.27 -17.53 -24.02
CA GLU B 125 22.34 -18.62 -24.24
C GLU B 125 22.44 -19.70 -23.17
N GLU B 126 23.66 -19.99 -22.72
CA GLU B 126 23.86 -21.00 -21.69
C GLU B 126 23.27 -20.54 -20.36
N LEU B 127 23.46 -19.27 -20.03
CA LEU B 127 22.93 -18.71 -18.78
C LEU B 127 21.40 -18.76 -18.81
N LEU B 128 20.83 -18.48 -19.97
CA LEU B 128 19.38 -18.49 -20.11
C LEU B 128 18.81 -19.87 -19.84
N GLN B 129 19.39 -20.88 -20.47
CA GLN B 129 18.91 -22.25 -20.27
C GLN B 129 19.21 -22.76 -18.86
N LYS B 130 20.34 -22.36 -18.31
CA LYS B 130 20.72 -22.79 -16.97
C LYS B 130 19.75 -22.17 -15.96
N ALA B 131 19.43 -20.89 -16.15
CA ALA B 131 18.52 -20.18 -15.27
C ALA B 131 17.08 -20.68 -15.42
N HIS B 132 16.68 -21.05 -16.63
CA HIS B 132 15.32 -21.56 -16.86
C HIS B 132 15.08 -22.80 -16.02
N PHE B 133 16.07 -23.68 -15.95
CA PHE B 133 15.96 -24.91 -15.18
C PHE B 133 15.74 -24.62 -13.69
N HIS B 134 16.54 -23.71 -13.15
CA HIS B 134 16.42 -23.36 -11.74
C HIS B 134 15.11 -22.62 -11.47
N LEU B 135 14.75 -21.72 -12.38
CA LEU B 135 13.52 -20.95 -12.22
C LEU B 135 12.28 -21.84 -12.29
N GLN B 136 12.32 -22.87 -13.14
CA GLN B 136 11.17 -23.76 -13.23
C GLN B 136 11.09 -24.59 -11.94
N ARG B 137 12.23 -24.84 -11.31
CA ARG B 137 12.23 -25.59 -10.06
C ARG B 137 11.67 -24.68 -8.96
N MET B 138 12.02 -23.40 -9.01
CA MET B 138 11.51 -22.45 -8.02
C MET B 138 9.98 -22.43 -8.12
N LEU B 139 9.48 -22.41 -9.36
CA LEU B 139 8.04 -22.39 -9.63
C LEU B 139 7.37 -23.63 -9.04
N SER B 140 7.98 -24.80 -9.24
CA SER B 140 7.41 -26.06 -8.77
C SER B 140 7.24 -26.10 -7.25
N TYR B 141 7.97 -25.24 -6.54
CA TYR B 141 7.85 -25.18 -5.09
C TYR B 141 6.87 -24.10 -4.63
N GLY B 142 6.18 -23.50 -5.59
CA GLY B 142 5.18 -22.49 -5.27
C GLY B 142 5.52 -21.02 -5.51
N THR B 143 6.72 -20.74 -5.99
CA THR B 143 7.12 -19.35 -6.23
C THR B 143 6.60 -18.87 -7.58
N THR B 144 5.71 -17.88 -7.53
CA THR B 144 5.13 -17.34 -8.75
C THR B 144 5.65 -15.94 -9.09
N THR B 145 6.34 -15.31 -8.14
CA THR B 145 6.94 -14.00 -8.32
C THR B 145 8.26 -14.01 -7.58
N ALA B 146 9.33 -13.56 -8.22
CA ALA B 146 10.64 -13.54 -7.57
C ALA B 146 11.50 -12.36 -7.99
N GLU B 147 12.46 -12.03 -7.13
CA GLU B 147 13.40 -10.94 -7.40
C GLU B 147 14.73 -11.59 -7.77
N VAL B 148 15.37 -11.11 -8.84
CA VAL B 148 16.64 -11.66 -9.27
C VAL B 148 17.69 -10.56 -9.40
N LYS B 149 18.86 -10.79 -8.82
CA LYS B 149 19.94 -9.83 -8.83
C LYS B 149 21.08 -10.22 -9.78
N SER B 150 21.73 -9.23 -10.37
CA SER B 150 22.89 -9.51 -11.22
C SER B 150 24.02 -9.54 -10.20
N GLY B 151 25.25 -9.23 -10.59
CA GLY B 151 26.32 -9.22 -9.61
C GLY B 151 27.42 -10.27 -9.74
N TYR B 152 27.44 -10.99 -10.84
CA TYR B 152 28.47 -11.99 -11.09
C TYR B 152 29.25 -11.60 -12.35
N GLY B 153 29.28 -10.31 -12.64
CA GLY B 153 29.99 -9.82 -13.80
C GLY B 153 31.07 -8.84 -13.36
N LEU B 154 30.66 -7.85 -12.59
CA LEU B 154 31.57 -6.83 -12.07
C LEU B 154 32.28 -6.12 -13.22
N GLU B 155 31.57 -6.00 -14.34
CA GLU B 155 32.04 -5.33 -15.54
C GLU B 155 30.81 -5.04 -16.39
N LYS B 156 30.91 -4.09 -17.31
CA LYS B 156 29.79 -3.74 -18.16
C LYS B 156 29.19 -4.91 -18.93
N GLU B 157 30.00 -5.54 -19.76
CA GLU B 157 29.55 -6.67 -20.58
C GLU B 157 28.75 -7.74 -19.84
N THR B 158 29.37 -8.35 -18.84
CA THR B 158 28.72 -9.42 -18.11
C THR B 158 27.52 -8.98 -17.26
N GLU B 159 27.60 -7.84 -16.59
CA GLU B 159 26.45 -7.40 -15.79
C GLU B 159 25.24 -7.20 -16.69
N LEU B 160 25.46 -6.57 -17.84
CA LEU B 160 24.37 -6.35 -18.78
C LEU B 160 23.85 -7.68 -19.31
N LYS B 161 24.76 -8.62 -19.54
CA LYS B 161 24.35 -9.94 -20.03
C LYS B 161 23.40 -10.61 -19.03
N GLN B 162 23.71 -10.49 -17.74
CA GLN B 162 22.86 -11.08 -16.69
C GLN B 162 21.49 -10.40 -16.67
N LEU B 163 21.47 -9.09 -16.89
CA LEU B 163 20.21 -8.35 -16.88
C LEU B 163 19.34 -8.70 -18.08
N ARG B 164 19.95 -8.85 -19.24
CA ARG B 164 19.18 -9.19 -20.43
C ARG B 164 18.62 -10.60 -20.28
N VAL B 165 19.38 -11.47 -19.63
CA VAL B 165 18.93 -12.84 -19.40
C VAL B 165 17.70 -12.82 -18.48
N ALA B 166 17.74 -11.98 -17.45
CA ALA B 166 16.63 -11.86 -16.51
C ALA B 166 15.39 -11.39 -17.25
N LYS B 167 15.56 -10.43 -18.15
CA LYS B 167 14.41 -9.92 -18.90
C LYS B 167 13.88 -11.02 -19.81
N LYS B 168 14.79 -11.82 -20.37
CA LYS B 168 14.43 -12.92 -21.25
C LYS B 168 13.57 -13.95 -20.50
N LEU B 169 14.05 -14.35 -19.33
CA LEU B 169 13.33 -15.31 -18.49
C LEU B 169 11.93 -14.78 -18.18
N HIS B 170 11.86 -13.55 -17.70
CA HIS B 170 10.59 -12.93 -17.35
C HIS B 170 9.56 -13.03 -18.46
N GLU B 171 9.99 -12.81 -19.69
CA GLU B 171 9.10 -12.86 -20.84
C GLU B 171 8.88 -14.24 -21.45
N SER B 172 9.59 -15.25 -20.98
CA SER B 172 9.44 -16.59 -21.56
C SER B 172 8.92 -17.73 -20.67
N GLN B 173 8.53 -17.42 -19.44
CA GLN B 173 8.00 -18.46 -18.56
C GLN B 173 7.05 -17.82 -17.53
N PRO B 174 6.25 -18.63 -16.84
CA PRO B 174 5.29 -18.14 -15.84
C PRO B 174 5.70 -17.20 -14.69
N VAL B 175 6.84 -17.43 -14.07
CA VAL B 175 7.22 -16.57 -12.94
C VAL B 175 7.48 -15.10 -13.30
N ASP B 176 6.87 -14.20 -12.52
CA ASP B 176 7.06 -12.76 -12.72
C ASP B 176 8.34 -12.38 -11.98
N LEU B 177 9.24 -11.70 -12.67
CA LEU B 177 10.50 -11.34 -12.06
C LEU B 177 10.74 -9.84 -11.85
N VAL B 178 11.41 -9.52 -10.76
CA VAL B 178 11.78 -8.15 -10.46
C VAL B 178 13.30 -8.17 -10.60
N SER B 179 13.83 -7.29 -11.44
CA SER B 179 15.27 -7.26 -11.69
C SER B 179 16.01 -6.19 -10.91
N THR B 180 17.07 -6.63 -10.23
CA THR B 180 17.91 -5.75 -9.42
C THR B 180 19.34 -5.76 -9.93
N PHE B 181 19.91 -4.57 -10.08
CA PHE B 181 21.29 -4.45 -10.55
C PHE B 181 22.22 -4.47 -9.34
N MET B 182 23.07 -5.49 -9.24
CA MET B 182 24.00 -5.58 -8.13
C MET B 182 25.45 -5.60 -8.63
N GLY B 183 25.79 -4.65 -9.50
CA GLY B 183 27.14 -4.58 -10.01
C GLY B 183 28.13 -4.40 -8.88
N ALA B 184 27.66 -3.80 -7.78
CA ALA B 184 28.50 -3.58 -6.61
C ALA B 184 28.45 -4.79 -5.67
N HIS B 185 28.73 -5.98 -6.20
CA HIS B 185 28.69 -7.20 -5.40
C HIS B 185 30.03 -7.49 -4.71
N ALA B 186 31.12 -7.19 -5.41
CA ALA B 186 32.46 -7.41 -4.85
C ALA B 186 33.44 -6.55 -5.61
N ILE B 187 34.70 -6.52 -5.17
CA ILE B 187 35.71 -5.74 -5.85
C ILE B 187 36.52 -6.63 -6.78
N PRO B 188 36.47 -6.36 -8.09
CA PRO B 188 37.21 -7.17 -9.06
C PRO B 188 38.70 -6.94 -8.85
N PRO B 189 39.54 -7.92 -9.23
CA PRO B 189 41.00 -7.85 -9.08
C PRO B 189 41.57 -6.55 -9.63
N GLU B 190 41.14 -6.18 -10.83
CA GLU B 190 41.62 -4.97 -11.49
C GLU B 190 41.33 -3.67 -10.74
N TYR B 191 40.53 -3.76 -9.68
CA TYR B 191 40.19 -2.56 -8.89
C TYR B 191 40.45 -2.79 -7.40
N GLN B 192 41.20 -3.84 -7.07
CA GLN B 192 41.49 -4.15 -5.68
C GLN B 192 41.97 -2.93 -4.92
N ASN B 193 42.81 -2.12 -5.57
CA ASN B 193 43.36 -0.92 -4.93
C ASN B 193 42.68 0.34 -5.43
N ASP B 194 41.40 0.21 -5.79
CA ASP B 194 40.64 1.35 -6.28
C ASP B 194 39.16 1.01 -6.30
N PRO B 195 38.59 0.64 -5.13
CA PRO B 195 37.17 0.28 -5.04
C PRO B 195 36.23 1.40 -5.50
N ASP B 196 36.55 2.65 -5.13
CA ASP B 196 35.71 3.77 -5.51
C ASP B 196 35.60 3.92 -7.02
N ASP B 197 36.72 3.71 -7.72
CA ASP B 197 36.71 3.82 -9.17
C ASP B 197 35.77 2.75 -9.72
N PHE B 198 35.83 1.56 -9.13
CA PHE B 198 34.97 0.47 -9.56
C PHE B 198 33.50 0.87 -9.41
N LEU B 199 33.14 1.40 -8.25
CA LEU B 199 31.76 1.82 -8.00
C LEU B 199 31.30 2.85 -9.03
N ASP B 200 32.17 3.80 -9.37
CA ASP B 200 31.81 4.82 -10.35
C ASP B 200 31.50 4.22 -11.71
N GLN B 201 32.23 3.17 -12.08
CA GLN B 201 31.99 2.54 -13.36
C GLN B 201 30.69 1.74 -13.38
N MET B 202 30.29 1.20 -12.24
CA MET B 202 29.03 0.47 -12.19
C MET B 202 27.92 1.51 -12.25
N LEU B 203 28.17 2.68 -11.67
CA LEU B 203 27.19 3.76 -11.69
C LEU B 203 26.99 4.28 -13.12
N SER B 204 28.07 4.34 -13.89
CA SER B 204 28.00 4.82 -15.26
C SER B 204 27.12 3.92 -16.12
N LEU B 205 26.71 2.78 -15.58
CA LEU B 205 25.87 1.84 -16.31
C LEU B 205 24.39 2.07 -16.05
N LEU B 206 24.06 2.82 -15.01
CA LEU B 206 22.66 3.07 -14.67
C LEU B 206 21.85 3.76 -15.78
N PRO B 207 22.43 4.76 -16.46
CA PRO B 207 21.65 5.41 -17.52
C PRO B 207 21.18 4.40 -18.56
N GLU B 208 22.10 3.55 -19.00
CA GLU B 208 21.83 2.52 -19.99
C GLU B 208 20.77 1.54 -19.49
N ILE B 209 20.96 1.07 -18.26
CA ILE B 209 20.04 0.13 -17.63
C ILE B 209 18.65 0.72 -17.49
N LYS B 210 18.57 2.00 -17.14
CA LYS B 210 17.28 2.67 -16.98
C LYS B 210 16.55 2.75 -18.32
N GLU B 211 17.23 3.29 -19.34
CA GLU B 211 16.65 3.44 -20.68
C GLU B 211 16.09 2.13 -21.23
N GLN B 212 16.79 1.04 -20.98
CA GLN B 212 16.37 -0.27 -21.46
C GLN B 212 15.53 -1.02 -20.43
N GLU B 213 15.16 -0.35 -19.35
CA GLU B 213 14.34 -0.95 -18.30
C GLU B 213 14.85 -2.35 -17.92
N LEU B 214 16.16 -2.46 -17.70
CA LEU B 214 16.76 -3.74 -17.34
C LEU B 214 16.77 -4.06 -15.85
N ALA B 215 16.53 -3.06 -15.01
CA ALA B 215 16.50 -3.24 -13.57
C ALA B 215 15.70 -2.14 -12.92
N SER B 216 15.11 -2.44 -11.77
CA SER B 216 14.30 -1.48 -11.03
C SER B 216 15.00 -1.08 -9.72
N PHE B 217 15.90 -1.92 -9.23
CA PHE B 217 16.63 -1.64 -8.00
C PHE B 217 18.13 -1.76 -8.19
N ALA B 218 18.88 -1.24 -7.22
CA ALA B 218 20.33 -1.31 -7.21
C ALA B 218 20.66 -1.89 -5.83
N ASP B 219 21.59 -2.85 -5.79
CA ASP B 219 21.96 -3.51 -4.54
C ASP B 219 23.47 -3.35 -4.35
N ILE B 220 23.96 -3.66 -3.15
CA ILE B 220 25.39 -3.54 -2.87
C ILE B 220 25.77 -4.37 -1.65
N PHE B 221 26.99 -4.93 -1.67
CA PHE B 221 27.46 -5.75 -0.56
C PHE B 221 28.29 -4.89 0.38
N THR B 222 27.67 -4.44 1.46
CA THR B 222 28.33 -3.59 2.45
C THR B 222 28.90 -4.51 3.53
N GLU B 223 30.18 -4.83 3.40
CA GLU B 223 30.81 -5.77 4.32
C GLU B 223 32.30 -5.49 4.46
N THR B 224 32.90 -5.98 5.54
CA THR B 224 34.32 -5.80 5.75
C THR B 224 35.03 -6.52 4.61
N GLY B 225 36.05 -5.88 4.05
CA GLY B 225 36.78 -6.48 2.95
C GLY B 225 36.10 -6.28 1.60
N VAL B 226 34.95 -5.60 1.60
CA VAL B 226 34.22 -5.33 0.36
C VAL B 226 33.93 -3.83 0.32
N PHE B 227 32.67 -3.42 0.32
CA PHE B 227 32.37 -1.99 0.30
C PHE B 227 31.99 -1.49 1.69
N THR B 228 32.53 -0.32 2.05
CA THR B 228 32.28 0.29 3.35
C THR B 228 30.93 1.01 3.38
N VAL B 229 30.50 1.39 4.58
CA VAL B 229 29.22 2.09 4.73
C VAL B 229 29.25 3.43 4.00
N SER B 230 30.34 4.19 4.12
CA SER B 230 30.43 5.48 3.44
C SER B 230 30.41 5.31 1.93
N GLN B 231 31.07 4.28 1.42
CA GLN B 231 31.10 4.04 -0.02
C GLN B 231 29.70 3.66 -0.50
N SER B 232 29.01 2.87 0.32
CA SER B 232 27.66 2.41 -0.01
C SER B 232 26.68 3.59 -0.03
N ARG B 233 26.81 4.48 0.94
CA ARG B 233 25.94 5.65 0.98
C ARG B 233 26.05 6.44 -0.33
N ARG B 234 27.27 6.82 -0.67
CA ARG B 234 27.52 7.58 -1.89
C ARG B 234 26.99 6.87 -3.14
N TYR B 235 27.23 5.55 -3.22
CA TYR B 235 26.79 4.76 -4.36
C TYR B 235 25.27 4.69 -4.46
N LEU B 236 24.62 4.34 -3.35
CA LEU B 236 23.17 4.21 -3.33
C LEU B 236 22.45 5.54 -3.47
N GLN B 237 22.99 6.61 -2.88
CA GLN B 237 22.35 7.91 -3.02
C GLN B 237 22.36 8.27 -4.50
N LYS B 238 23.46 7.94 -5.17
CA LYS B 238 23.59 8.23 -6.59
C LYS B 238 22.65 7.33 -7.39
N ALA B 239 22.47 6.10 -6.93
CA ALA B 239 21.57 5.18 -7.62
C ALA B 239 20.14 5.73 -7.51
N ALA B 240 19.80 6.27 -6.34
CA ALA B 240 18.47 6.83 -6.12
C ALA B 240 18.22 8.03 -7.03
N GLU B 241 19.23 8.86 -7.21
CA GLU B 241 19.08 10.03 -8.08
C GLU B 241 18.90 9.58 -9.52
N ALA B 242 19.48 8.44 -9.86
CA ALA B 242 19.37 7.89 -11.21
C ALA B 242 18.04 7.19 -11.46
N GLY B 243 17.16 7.21 -10.45
CA GLY B 243 15.85 6.58 -10.59
C GLY B 243 15.70 5.13 -10.16
N PHE B 244 16.61 4.64 -9.33
CA PHE B 244 16.50 3.25 -8.91
C PHE B 244 16.07 3.07 -7.46
N GLY B 245 15.31 2.02 -7.21
CA GLY B 245 14.89 1.71 -5.85
C GLY B 245 16.16 1.22 -5.17
N LEU B 246 16.20 1.24 -3.84
CA LEU B 246 17.41 0.82 -3.13
C LEU B 246 17.27 -0.44 -2.28
N LYS B 247 18.29 -1.28 -2.35
CA LYS B 247 18.35 -2.53 -1.58
C LYS B 247 19.78 -2.65 -1.08
N ILE B 248 20.03 -3.54 -0.14
CA ILE B 248 21.38 -3.70 0.39
C ILE B 248 21.59 -4.99 1.17
N HIS B 249 22.76 -5.59 1.01
CA HIS B 249 23.13 -6.79 1.76
C HIS B 249 23.82 -6.15 2.96
N ALA B 250 23.09 -6.03 4.05
CA ALA B 250 23.61 -5.37 5.25
C ALA B 250 23.88 -6.21 6.49
N ASP B 251 24.93 -5.80 7.20
CA ASP B 251 25.34 -6.43 8.44
C ASP B 251 25.19 -7.94 8.46
N GLU B 252 25.87 -8.62 7.54
CA GLU B 252 25.79 -10.06 7.46
C GLU B 252 26.55 -10.72 8.61
N ILE B 253 27.56 -10.05 9.13
CA ILE B 253 28.37 -10.59 10.22
C ILE B 253 28.51 -9.61 11.40
N ASP B 254 28.94 -8.39 11.13
CA ASP B 254 29.13 -7.40 12.18
C ASP B 254 28.21 -6.20 12.01
N PRO B 255 27.91 -5.50 13.13
CA PRO B 255 27.04 -4.32 13.10
C PRO B 255 27.79 -3.11 12.52
N LEU B 256 28.07 -3.17 11.22
CA LEU B 256 28.78 -2.10 10.53
C LEU B 256 27.95 -0.84 10.34
N GLY B 257 26.63 -0.98 10.47
CA GLY B 257 25.77 0.17 10.27
C GLY B 257 25.05 0.10 8.94
N GLY B 258 25.03 -1.10 8.36
CA GLY B 258 24.37 -1.30 7.08
C GLY B 258 22.88 -1.08 7.20
N ALA B 259 22.29 -1.60 8.29
CA ALA B 259 20.87 -1.45 8.53
C ALA B 259 20.50 0.01 8.74
N GLU B 260 21.27 0.71 9.57
CA GLU B 260 20.98 2.11 9.80
C GLU B 260 21.01 2.91 8.49
N LEU B 261 22.00 2.64 7.66
CA LEU B 261 22.10 3.34 6.38
C LEU B 261 20.86 3.05 5.54
N ALA B 262 20.47 1.79 5.48
CA ALA B 262 19.29 1.39 4.72
C ALA B 262 18.08 2.23 5.11
N GLY B 263 17.87 2.37 6.42
CA GLY B 263 16.74 3.15 6.90
C GLY B 263 16.86 4.63 6.56
N LYS B 264 18.07 5.17 6.67
CA LYS B 264 18.31 6.57 6.39
C LYS B 264 18.03 6.91 4.93
N LEU B 265 18.39 5.99 4.04
CA LEU B 265 18.18 6.20 2.61
C LEU B 265 16.79 5.69 2.20
N LYS B 266 16.02 5.25 3.20
CA LYS B 266 14.68 4.73 2.95
C LYS B 266 14.67 3.68 1.85
N ALA B 267 15.61 2.75 1.95
CA ALA B 267 15.70 1.67 0.98
C ALA B 267 14.42 0.85 1.12
N VAL B 268 14.04 0.14 0.08
CA VAL B 268 12.84 -0.68 0.13
C VAL B 268 13.09 -1.87 1.07
N SER B 269 14.33 -2.36 1.11
CA SER B 269 14.68 -3.49 1.97
C SER B 269 16.16 -3.52 2.37
N ALA B 270 16.41 -4.17 3.51
CA ALA B 270 17.75 -4.39 4.04
C ALA B 270 17.72 -5.90 4.15
N ASP B 271 18.72 -6.57 3.59
CA ASP B 271 18.73 -8.03 3.57
C ASP B 271 19.87 -8.71 4.33
N HIS B 272 19.58 -9.91 4.84
CA HIS B 272 20.52 -10.72 5.63
C HIS B 272 20.44 -10.26 7.09
N LEU B 273 21.18 -9.22 7.44
CA LEU B 273 21.15 -8.64 8.80
C LEU B 273 21.48 -9.54 9.99
N VAL B 274 22.29 -10.57 9.80
CA VAL B 274 22.60 -11.44 10.93
C VAL B 274 23.33 -10.71 12.05
N GLY B 275 24.23 -9.80 11.68
CA GLY B 275 24.99 -9.08 12.70
C GLY B 275 24.58 -7.64 12.98
N THR B 276 23.35 -7.27 12.60
CA THR B 276 22.88 -5.92 12.81
C THR B 276 22.58 -5.62 14.29
N SER B 277 22.74 -4.34 14.66
CA SER B 277 22.51 -3.92 16.04
C SER B 277 21.07 -3.53 16.34
N ASP B 278 20.79 -3.18 17.61
CA ASP B 278 19.45 -2.75 17.99
C ASP B 278 19.13 -1.42 17.34
N GLU B 279 20.14 -0.58 17.18
CA GLU B 279 19.95 0.72 16.56
C GLU B 279 19.54 0.50 15.10
N GLY B 280 20.17 -0.49 14.48
CA GLY B 280 19.85 -0.81 13.10
C GLY B 280 18.41 -1.27 12.99
N ILE B 281 18.00 -2.11 13.94
CA ILE B 281 16.63 -2.63 13.96
C ILE B 281 15.61 -1.52 14.16
N LYS B 282 15.90 -0.60 15.06
CA LYS B 282 14.98 0.51 15.33
C LYS B 282 14.88 1.44 14.12
N LYS B 283 15.98 1.58 13.39
CA LYS B 283 16.02 2.44 12.22
C LYS B 283 15.20 1.84 11.07
N LEU B 284 15.30 0.52 10.91
CA LEU B 284 14.56 -0.18 9.86
C LEU B 284 13.06 -0.03 10.09
N ALA B 285 12.62 -0.34 11.31
CA ALA B 285 11.20 -0.25 11.67
C ALA B 285 10.69 1.17 11.52
N GLU B 286 11.51 2.13 11.92
CA GLU B 286 11.15 3.53 11.85
C GLU B 286 10.99 4.01 10.41
N ALA B 287 11.85 3.53 9.52
CA ALA B 287 11.79 3.94 8.12
C ALA B 287 10.84 3.11 7.27
N GLY B 288 10.37 1.99 7.79
CA GLY B 288 9.46 1.15 7.02
C GLY B 288 10.23 0.26 6.06
N THR B 289 11.56 0.20 6.24
CA THR B 289 12.40 -0.63 5.39
C THR B 289 12.17 -2.09 5.77
N ILE B 290 11.78 -2.90 4.80
CA ILE B 290 11.51 -4.31 5.05
C ILE B 290 12.79 -5.11 5.24
N ALA B 291 12.85 -5.87 6.33
CA ALA B 291 14.02 -6.69 6.62
C ALA B 291 13.85 -8.10 6.05
N VAL B 292 14.56 -8.39 4.96
CA VAL B 292 14.48 -9.71 4.33
C VAL B 292 15.55 -10.60 4.94
N LEU B 293 15.10 -11.61 5.69
CA LEU B 293 16.00 -12.55 6.33
C LEU B 293 16.26 -13.75 5.45
N LEU B 294 17.51 -14.23 5.47
CA LEU B 294 17.92 -15.37 4.65
C LEU B 294 18.47 -16.49 5.53
N PRO B 295 17.59 -17.21 6.24
CA PRO B 295 18.01 -18.30 7.12
C PRO B 295 18.70 -19.46 6.39
N GLY B 296 18.45 -19.60 5.09
CA GLY B 296 19.10 -20.65 4.35
C GLY B 296 20.60 -20.36 4.25
N THR B 297 20.93 -19.09 4.05
CA THR B 297 22.32 -18.67 3.93
C THR B 297 23.09 -18.90 5.24
N THR B 298 22.46 -18.61 6.36
CA THR B 298 23.08 -18.84 7.67
C THR B 298 23.33 -20.34 7.83
N PHE B 299 22.30 -21.12 7.54
CA PHE B 299 22.35 -22.57 7.62
C PHE B 299 23.43 -23.14 6.71
N TYR B 300 23.41 -22.72 5.45
CA TYR B 300 24.36 -23.23 4.47
C TYR B 300 25.81 -22.89 4.79
N LEU B 301 26.02 -21.74 5.43
CA LEU B 301 27.37 -21.33 5.80
C LEU B 301 27.87 -22.22 6.94
N GLY B 302 26.97 -23.05 7.47
CA GLY B 302 27.32 -23.96 8.55
C GLY B 302 27.33 -23.27 9.90
N LYS B 303 26.56 -22.20 10.02
CA LYS B 303 26.51 -21.44 11.26
C LYS B 303 25.31 -21.73 12.13
N SER B 304 25.39 -21.28 13.39
CA SER B 304 24.33 -21.51 14.37
C SER B 304 23.56 -20.26 14.77
N THR B 305 24.19 -19.09 14.60
CA THR B 305 23.54 -17.85 14.99
C THR B 305 22.76 -17.22 13.85
N TYR B 306 21.44 -17.18 14.00
CA TYR B 306 20.56 -16.62 12.98
C TYR B 306 20.20 -15.16 13.26
N ALA B 307 19.64 -14.48 12.27
CA ALA B 307 19.23 -13.09 12.43
C ALA B 307 18.20 -13.06 13.54
N ARG B 308 18.19 -11.97 14.30
CA ARG B 308 17.28 -11.82 15.43
C ARG B 308 15.87 -11.40 15.00
N ALA B 309 15.13 -12.33 14.40
CA ALA B 309 13.79 -12.03 13.91
C ALA B 309 12.80 -11.62 15.01
N ARG B 310 12.84 -12.28 16.15
CA ARG B 310 11.91 -11.95 17.24
C ARG B 310 12.11 -10.52 17.71
N ALA B 311 13.37 -10.11 17.89
CA ALA B 311 13.66 -8.75 18.32
C ALA B 311 13.14 -7.77 17.28
N MET B 312 13.35 -8.09 16.01
CA MET B 312 12.88 -7.24 14.91
C MET B 312 11.36 -7.10 14.95
N ILE B 313 10.67 -8.23 15.05
CA ILE B 313 9.20 -8.19 15.10
C ILE B 313 8.74 -7.43 16.34
N ASP B 314 9.38 -7.71 17.47
CA ASP B 314 9.01 -7.02 18.72
C ASP B 314 9.21 -5.51 18.59
N GLU B 315 10.11 -5.11 17.70
CA GLU B 315 10.42 -3.69 17.52
C GLU B 315 9.59 -3.00 16.43
N GLY B 316 8.70 -3.75 15.80
CA GLY B 316 7.85 -3.17 14.76
C GLY B 316 8.37 -3.24 13.34
N VAL B 317 9.35 -4.11 13.11
CA VAL B 317 9.93 -4.28 11.78
C VAL B 317 9.02 -5.15 10.93
N CYS B 318 9.00 -4.89 9.61
CA CYS B 318 8.22 -5.72 8.69
C CYS B 318 9.22 -6.75 8.20
N VAL B 319 9.01 -8.01 8.58
CA VAL B 319 9.93 -9.08 8.20
C VAL B 319 9.48 -9.91 7.01
N SER B 320 10.45 -10.32 6.20
CA SER B 320 10.20 -11.17 5.03
C SER B 320 11.28 -12.24 5.02
N LEU B 321 11.13 -13.22 4.13
CA LEU B 321 12.08 -14.32 4.01
C LEU B 321 12.40 -14.56 2.53
N ALA B 322 13.47 -15.28 2.25
CA ALA B 322 13.87 -15.59 0.87
C ALA B 322 14.88 -16.71 0.84
N THR B 323 15.06 -17.31 -0.32
CA THR B 323 16.03 -18.39 -0.47
C THR B 323 17.46 -17.86 -0.61
N ASP B 324 17.58 -16.67 -1.20
CA ASP B 324 18.88 -16.07 -1.47
C ASP B 324 19.56 -17.04 -2.45
N PHE B 325 18.74 -17.70 -3.26
CA PHE B 325 19.27 -18.67 -4.22
C PHE B 325 20.48 -18.15 -4.95
N ASN B 326 21.62 -18.79 -4.68
CA ASN B 326 22.88 -18.43 -5.30
C ASN B 326 23.82 -19.62 -5.10
N PRO B 327 24.77 -19.83 -6.04
CA PRO B 327 25.72 -20.94 -5.98
C PRO B 327 26.72 -20.92 -4.84
N GLY B 328 26.93 -19.76 -4.25
CA GLY B 328 27.91 -19.65 -3.19
C GLY B 328 27.53 -19.83 -1.74
N SER B 329 26.45 -19.19 -1.30
CA SER B 329 26.05 -19.30 0.10
C SER B 329 24.67 -19.85 0.39
N SER B 330 23.89 -20.15 -0.65
CA SER B 330 22.56 -20.72 -0.44
C SER B 330 22.00 -21.30 -1.72
N PRO B 331 22.57 -22.41 -2.21
CA PRO B 331 22.07 -23.02 -3.44
C PRO B 331 20.82 -23.87 -3.25
N THR B 332 19.68 -23.22 -3.06
CA THR B 332 18.42 -23.93 -2.93
C THR B 332 17.30 -23.09 -3.50
N GLU B 333 16.37 -23.74 -4.21
CA GLU B 333 15.22 -23.05 -4.79
C GLU B 333 13.99 -23.30 -3.92
N ASN B 334 14.14 -24.17 -2.93
CA ASN B 334 13.06 -24.58 -2.03
C ASN B 334 12.68 -23.56 -0.96
N ILE B 335 11.78 -22.67 -1.32
CA ILE B 335 11.30 -21.62 -0.42
C ILE B 335 10.54 -22.20 0.77
N GLN B 336 10.04 -23.42 0.63
CA GLN B 336 9.30 -24.08 1.71
C GLN B 336 10.27 -24.46 2.83
N LEU B 337 11.49 -24.85 2.47
CA LEU B 337 12.48 -25.21 3.48
C LEU B 337 12.85 -23.94 4.25
N ILE B 338 12.91 -22.82 3.52
CA ILE B 338 13.22 -21.54 4.14
C ILE B 338 12.16 -21.29 5.21
N MET B 339 10.90 -21.59 4.87
CA MET B 339 9.79 -21.42 5.79
C MET B 339 10.02 -22.29 7.04
N SER B 340 10.50 -23.52 6.83
CA SER B 340 10.76 -24.41 7.95
C SER B 340 11.91 -23.90 8.80
N ILE B 341 12.97 -23.43 8.15
CA ILE B 341 14.12 -22.90 8.88
C ILE B 341 13.71 -21.68 9.69
N ALA B 342 12.83 -20.87 9.12
CA ALA B 342 12.34 -19.66 9.79
C ALA B 342 11.62 -20.01 11.10
N ALA B 343 10.83 -21.08 11.06
CA ALA B 343 10.09 -21.51 12.24
C ALA B 343 11.01 -22.09 13.31
N LEU B 344 11.90 -22.98 12.87
CA LEU B 344 12.81 -23.69 13.76
C LEU B 344 14.03 -22.93 14.27
N HIS B 345 14.52 -21.98 13.48
CA HIS B 345 15.71 -21.23 13.86
C HIS B 345 15.56 -19.71 13.95
N LEU B 346 14.57 -19.15 13.27
CA LEU B 346 14.33 -17.71 13.37
C LEU B 346 13.25 -17.52 14.43
N LYS B 347 12.73 -18.65 14.92
CA LYS B 347 11.70 -18.66 15.96
C LYS B 347 10.47 -17.83 15.58
N MET B 348 10.07 -17.90 14.31
CA MET B 348 8.89 -17.17 13.85
C MET B 348 7.70 -18.13 13.91
N THR B 349 6.50 -17.59 14.10
CA THR B 349 5.31 -18.44 14.15
C THR B 349 4.85 -18.77 12.74
N ALA B 350 4.04 -19.82 12.62
CA ALA B 350 3.52 -20.21 11.31
C ALA B 350 2.79 -19.01 10.68
N GLU B 351 2.06 -18.27 11.50
CA GLU B 351 1.33 -17.10 11.02
C GLU B 351 2.26 -16.04 10.44
N GLU B 352 3.32 -15.69 11.18
CA GLU B 352 4.26 -14.69 10.73
C GLU B 352 4.99 -15.13 9.46
N ILE B 353 5.32 -16.41 9.40
CA ILE B 353 6.01 -16.95 8.23
C ILE B 353 5.17 -16.82 6.96
N TRP B 354 3.89 -17.14 7.03
CA TRP B 354 3.05 -17.02 5.85
C TRP B 354 2.97 -15.59 5.33
N HIS B 355 2.84 -14.62 6.24
CA HIS B 355 2.79 -13.21 5.83
C HIS B 355 4.15 -12.81 5.26
N ALA B 356 5.21 -13.40 5.80
CA ALA B 356 6.56 -13.07 5.35
C ALA B 356 6.82 -13.47 3.89
N VAL B 357 6.36 -14.66 3.49
CA VAL B 357 6.60 -15.13 2.12
C VAL B 357 5.54 -14.72 1.09
N THR B 358 4.57 -13.91 1.50
CA THR B 358 3.55 -13.46 0.57
C THR B 358 3.51 -11.94 0.54
N VAL B 359 2.74 -11.34 1.45
CA VAL B 359 2.61 -9.88 1.50
C VAL B 359 3.92 -9.11 1.69
N ASN B 360 4.69 -9.46 2.73
CA ASN B 360 5.93 -8.72 2.96
C ASN B 360 6.96 -8.94 1.87
N ALA B 361 7.01 -10.14 1.29
CA ALA B 361 7.96 -10.41 0.23
C ALA B 361 7.62 -9.55 -0.98
N ALA B 362 6.34 -9.43 -1.28
CA ALA B 362 5.88 -8.61 -2.41
C ALA B 362 6.28 -7.15 -2.22
N TYR B 363 6.01 -6.59 -1.05
CA TYR B 363 6.37 -5.20 -0.78
C TYR B 363 7.88 -5.00 -0.76
N ALA B 364 8.62 -6.05 -0.39
CA ALA B 364 10.08 -5.94 -0.35
C ALA B 364 10.67 -5.72 -1.74
N ILE B 365 9.89 -6.01 -2.78
CA ILE B 365 10.38 -5.84 -4.15
C ILE B 365 9.48 -4.94 -5.01
N GLY B 366 8.69 -4.09 -4.35
CA GLY B 366 7.83 -3.16 -5.07
C GLY B 366 6.60 -3.76 -5.73
N LYS B 367 6.21 -4.97 -5.32
CA LYS B 367 5.05 -5.65 -5.91
C LYS B 367 3.92 -5.85 -4.89
N GLY B 368 3.92 -5.03 -3.84
CA GLY B 368 2.88 -5.14 -2.83
C GLY B 368 1.46 -5.07 -3.34
N GLU B 369 1.24 -4.32 -4.42
CA GLU B 369 -0.10 -4.20 -4.98
C GLU B 369 -0.38 -5.23 -6.08
N GLU B 370 0.62 -6.02 -6.43
CA GLU B 370 0.47 -7.01 -7.50
C GLU B 370 0.55 -8.48 -7.10
N ALA B 371 1.28 -8.79 -6.03
CA ALA B 371 1.41 -10.19 -5.63
C ALA B 371 1.19 -10.45 -4.14
N GLY B 372 1.19 -11.72 -3.76
CA GLY B 372 1.01 -12.10 -2.36
C GLY B 372 -0.37 -12.04 -1.74
N GLN B 373 -1.39 -11.73 -2.53
CA GLN B 373 -2.75 -11.66 -1.99
C GLN B 373 -3.81 -12.17 -2.95
N LEU B 374 -4.80 -12.88 -2.41
CA LEU B 374 -5.90 -13.38 -3.21
C LEU B 374 -7.16 -12.56 -2.94
N LYS B 375 -7.33 -11.48 -3.71
CA LYS B 375 -8.51 -10.63 -3.56
C LYS B 375 -8.88 -10.10 -4.94
N ALA B 376 -10.09 -9.56 -5.04
CA ALA B 376 -10.60 -9.05 -6.31
C ALA B 376 -9.61 -8.15 -7.07
N GLY B 377 -9.41 -8.45 -8.34
CA GLY B 377 -8.51 -7.65 -9.16
C GLY B 377 -7.08 -8.15 -9.27
N ARG B 378 -6.61 -8.91 -8.29
CA ARG B 378 -5.24 -9.43 -8.32
C ARG B 378 -5.09 -10.54 -9.35
N SER B 379 -3.88 -10.68 -9.89
CA SER B 379 -3.61 -11.74 -10.86
C SER B 379 -3.91 -13.05 -10.16
N ALA B 380 -4.52 -13.99 -10.87
CA ALA B 380 -4.86 -15.27 -10.28
C ALA B 380 -3.65 -16.18 -10.11
N ASP B 381 -2.84 -15.89 -9.10
CA ASP B 381 -1.64 -16.67 -8.81
C ASP B 381 -1.86 -17.34 -7.47
N LEU B 382 -1.92 -18.66 -7.46
CA LEU B 382 -2.15 -19.37 -6.21
C LEU B 382 -1.53 -20.76 -6.19
N VAL B 383 -1.49 -21.34 -4.99
CA VAL B 383 -0.95 -22.68 -4.82
C VAL B 383 -1.98 -23.56 -4.11
N ILE B 384 -2.24 -24.74 -4.68
CA ILE B 384 -3.14 -25.69 -4.04
C ILE B 384 -2.14 -26.67 -3.41
N TRP B 385 -2.14 -26.75 -2.09
CA TRP B 385 -1.20 -27.59 -1.37
C TRP B 385 -1.64 -29.01 -1.03
N GLN B 386 -0.65 -29.87 -0.82
CA GLN B 386 -0.89 -31.26 -0.44
C GLN B 386 -0.98 -31.29 1.08
N ALA B 387 -1.82 -30.41 1.62
CA ALA B 387 -2.02 -30.33 3.06
C ALA B 387 -3.40 -29.76 3.34
N PRO B 388 -3.94 -30.04 4.54
CA PRO B 388 -5.25 -29.55 4.95
C PRO B 388 -5.21 -28.21 5.68
N ASN B 389 -4.07 -27.90 6.31
CA ASN B 389 -3.92 -26.65 7.07
C ASN B 389 -2.57 -25.96 6.83
N TYR B 390 -2.52 -24.67 7.16
CA TYR B 390 -1.32 -23.86 6.94
C TYR B 390 -0.13 -24.15 7.87
N MET B 391 -0.40 -24.75 9.02
CA MET B 391 0.69 -25.05 9.95
C MET B 391 1.54 -26.23 9.45
N TYR B 392 0.92 -27.12 8.70
CA TYR B 392 1.60 -28.31 8.19
C TYR B 392 2.78 -28.05 7.24
N ILE B 393 2.68 -27.02 6.41
CA ILE B 393 3.73 -26.70 5.45
C ILE B 393 5.12 -26.52 6.09
N PRO B 394 5.26 -25.55 7.00
CA PRO B 394 6.58 -25.39 7.61
C PRO B 394 6.94 -26.53 8.57
N TYR B 395 5.92 -27.24 9.05
CA TYR B 395 6.08 -28.34 9.99
C TYR B 395 6.81 -29.55 9.38
N HIS B 396 6.36 -29.99 8.20
CA HIS B 396 6.96 -31.12 7.51
C HIS B 396 8.00 -30.50 6.59
N TYR B 397 9.27 -30.79 6.82
CA TYR B 397 10.35 -30.15 6.09
C TYR B 397 11.14 -30.91 5.03
N GLY B 398 11.91 -30.14 4.26
CA GLY B 398 12.76 -30.68 3.23
C GLY B 398 12.14 -31.28 1.99
N VAL B 399 10.83 -31.13 1.82
CA VAL B 399 10.18 -31.72 0.65
C VAL B 399 9.39 -30.68 -0.14
N ASN B 400 8.55 -31.15 -1.07
CA ASN B 400 7.74 -30.25 -1.87
C ASN B 400 6.26 -30.56 -1.62
N HIS B 401 5.58 -29.67 -0.90
CA HIS B 401 4.17 -29.82 -0.56
C HIS B 401 3.18 -29.37 -1.63
N VAL B 402 3.68 -28.82 -2.72
CA VAL B 402 2.81 -28.32 -3.78
C VAL B 402 2.00 -29.43 -4.46
N HIS B 403 0.72 -29.14 -4.73
CA HIS B 403 -0.13 -30.08 -5.46
C HIS B 403 -0.20 -29.48 -6.86
N GLN B 404 -0.67 -28.24 -6.94
CA GLN B 404 -0.74 -27.52 -8.21
C GLN B 404 -0.43 -26.04 -8.00
N VAL B 405 0.12 -25.41 -9.04
CA VAL B 405 0.43 -23.99 -8.97
C VAL B 405 -0.27 -23.30 -10.14
N MET B 406 -0.96 -22.20 -9.84
CA MET B 406 -1.67 -21.44 -10.85
C MET B 406 -1.02 -20.08 -11.04
N LYS B 407 -0.83 -19.67 -12.30
CA LYS B 407 -0.25 -18.36 -12.61
C LYS B 407 -1.16 -17.72 -13.64
N ASN B 408 -1.65 -16.51 -13.33
CA ASN B 408 -2.54 -15.79 -14.23
C ASN B 408 -3.76 -16.63 -14.58
N GLY B 409 -4.24 -17.42 -13.63
CA GLY B 409 -5.42 -18.23 -13.85
C GLY B 409 -5.22 -19.57 -14.55
N THR B 410 -3.96 -19.92 -14.83
CA THR B 410 -3.66 -21.17 -15.52
C THR B 410 -2.75 -22.08 -14.68
N ILE B 411 -3.07 -23.37 -14.66
CA ILE B 411 -2.27 -24.33 -13.92
C ILE B 411 -0.94 -24.49 -14.66
N VAL B 412 0.15 -24.09 -14.03
CA VAL B 412 1.48 -24.19 -14.65
C VAL B 412 2.32 -25.28 -14.01
N VAL B 413 1.82 -25.83 -12.90
CA VAL B 413 2.50 -26.91 -12.20
C VAL B 413 1.39 -27.86 -11.74
N ASN B 414 1.49 -29.13 -12.09
CA ASN B 414 0.44 -30.07 -11.71
C ASN B 414 0.95 -31.34 -11.03
N ARG B 415 0.45 -31.59 -9.83
CA ARG B 415 0.80 -32.77 -9.03
C ARG B 415 2.32 -32.89 -8.92
C ACT C . -21.99 19.80 12.72
O ACT C . -23.15 19.37 12.30
OXT ACT C . -21.78 20.89 13.35
CH3 ACT C . -20.74 19.02 12.47
ZN ZN D . -16.46 16.08 10.50
C ACT E . 27.95 -15.86 -3.32
O ACT E . 28.72 -16.36 -2.40
OXT ACT E . 27.89 -16.22 -4.54
CH3 ACT E . 26.99 -14.76 -2.99
ZN ZN F . 22.04 -12.29 -1.60
#